data_6K60
#
_entry.id   6K60
#
_cell.length_a   164.378
_cell.length_b   164.378
_cell.length_c   326.839
_cell.angle_alpha   90.00
_cell.angle_beta   90.00
_cell.angle_gamma   120.00
#
_symmetry.space_group_name_H-M   'H 3 2'
#
loop_
_entity.id
_entity.type
_entity.pdbx_description
1 polymer 'HLA class I histocompatibility antigen, alpha chain G'
2 polymer Beta-2-microglobulin
3 polymer 'Peptide from Histone H2A.J'
4 polymer 'Leukocyte immunoglobulin-like receptor subfamily B member 1'
5 non-polymer 'IODIDE ION'
#
loop_
_entity_poly.entity_id
_entity_poly.type
_entity_poly.pdbx_seq_one_letter_code
_entity_poly.pdbx_strand_id
1 'polypeptide(L)'
;MGSHSMRYFSAAVSRPGRGEPRFIAMGYVDDTQFVRFDSDSASPRMEPRAPWVEQEGPEYWEEETRNTKAHAQTDRMNLQ
TLRGYYNQSEASSHTLQWMIGCDLGSDGRLLRGYEQYAYDGKDYLALNEDLRSWTAADTAAQISKRKCEAANVAEQRRAY
LEGTCVEWLHRYLENGKEMLQRADPPKTHVTHHPVFDYEATLRCWALGFYPAEIILTWQRDGEDQTQDVELVETRPAGDG
TFQKWAAVVVPSGEEQRYTCHVQHEGLPEPLMLRWKQ
;
A,E
2 'polypeptide(L)'
;MIQRTPKIQVYSRHPAENGKSNFLNCYVSGFHPSDIEVDLLKNGERIEKVEHSDLSFSKDWSFYLLYYTEFTPTEKDEYA
CRVNHVTLSQPKIVKWDRDM
;
B,F
3 'polypeptide(L)' RIIPRHLQL C,G
4 'polypeptide(L)'
;MGHLPKPTLWAEPGSVITQGSPVTLRCQGGQETQEYRLYREKKTAPWITRIPQELVKKGQFPIPSITWEHAGRYRCYYGS
DTAGRSESSDPLELVVTGAYIKPTLSAQPSPVVNSGGNVTLQCDSQVAFDGFILCKEGEDEHPQCLNSQPHARGSSRAIF
SVGPVSPSRRWWYRCYAYDSNSPYEWSLPSDLLELLVL
;
D,H
#
# COMPACT_ATOMS: atom_id res chain seq x y z
N SER A 3 -10.01 -27.13 -12.01
CA SER A 3 -11.47 -27.02 -11.92
C SER A 3 -11.89 -25.61 -11.51
N HIS A 4 -12.58 -24.91 -12.40
CA HIS A 4 -12.98 -23.53 -12.20
C HIS A 4 -14.46 -23.42 -11.88
N SER A 5 -14.81 -22.31 -11.25
CA SER A 5 -16.18 -22.04 -10.84
C SER A 5 -16.45 -20.54 -10.81
N MET A 6 -17.72 -20.20 -10.87
CA MET A 6 -18.18 -18.83 -10.80
C MET A 6 -19.26 -18.82 -9.72
N ARG A 7 -19.19 -17.82 -8.86
CA ARG A 7 -20.12 -17.68 -7.75
C ARG A 7 -20.63 -16.25 -7.64
N TYR A 8 -21.85 -16.14 -7.11
CA TYR A 8 -22.48 -14.87 -6.80
C TYR A 8 -22.95 -14.96 -5.35
N PHE A 9 -22.60 -13.93 -4.57
CA PHE A 9 -22.92 -13.84 -3.16
C PHE A 9 -23.69 -12.56 -2.87
N SER A 10 -24.50 -12.59 -1.80
CA SER A 10 -25.23 -11.41 -1.38
C SER A 10 -25.42 -11.45 0.13
N ALA A 11 -25.54 -10.27 0.74
CA ALA A 11 -25.75 -10.14 2.18
C ALA A 11 -26.72 -8.99 2.43
N ALA A 12 -27.82 -9.27 3.13
CA ALA A 12 -28.82 -8.27 3.48
C ALA A 12 -28.77 -8.11 4.99
N VAL A 13 -28.34 -6.94 5.47
CA VAL A 13 -28.21 -6.69 6.91
C VAL A 13 -29.17 -5.59 7.35
N SER A 14 -30.22 -5.97 8.07
CA SER A 14 -31.18 -4.99 8.57
C SER A 14 -30.50 -4.10 9.61
N ARG A 15 -30.96 -2.86 9.74
CA ARG A 15 -30.40 -1.92 10.71
C ARG A 15 -31.47 -1.00 11.27
N PRO A 16 -32.22 -1.46 12.28
CA PRO A 16 -33.28 -0.64 12.86
C PRO A 16 -32.77 0.71 13.35
N GLY A 17 -33.56 1.75 13.10
CA GLY A 17 -33.17 3.10 13.49
C GLY A 17 -32.25 3.71 12.46
N ARG A 18 -31.14 3.02 12.21
CA ARG A 18 -30.15 3.45 11.23
C ARG A 18 -30.76 3.67 9.84
N GLY A 19 -31.91 3.05 9.54
CA GLY A 19 -32.55 3.21 8.25
C GLY A 19 -32.91 1.99 7.43
N GLU A 20 -32.61 2.00 6.12
CA GLU A 20 -32.99 0.86 5.29
C GLU A 20 -31.94 -0.26 5.38
N PRO A 21 -32.34 -1.51 5.13
CA PRO A 21 -31.39 -2.62 5.19
C PRO A 21 -30.28 -2.48 4.16
N ARG A 22 -29.06 -2.82 4.56
CA ARG A 22 -27.97 -2.78 3.61
C ARG A 22 -27.99 -4.06 2.77
N PHE A 23 -27.69 -3.91 1.49
CA PHE A 23 -27.66 -5.05 0.58
C PHE A 23 -26.41 -4.93 -0.26
N ILE A 24 -25.58 -5.96 -0.23
CA ILE A 24 -24.36 -6.01 -1.00
C ILE A 24 -24.36 -7.32 -1.76
N ALA A 25 -23.78 -7.29 -2.96
CA ALA A 25 -23.71 -8.49 -3.78
C ALA A 25 -22.41 -8.40 -4.54
N MET A 26 -21.91 -9.56 -4.95
CA MET A 26 -20.66 -9.61 -5.70
C MET A 26 -20.59 -10.93 -6.44
N GLY A 27 -19.69 -10.96 -7.42
CA GLY A 27 -19.49 -12.14 -8.23
C GLY A 27 -18.02 -12.50 -8.20
N TYR A 28 -17.77 -13.80 -8.30
CA TYR A 28 -16.41 -14.33 -8.29
C TYR A 28 -16.24 -15.40 -9.34
N VAL A 29 -15.00 -15.54 -9.80
CA VAL A 29 -14.59 -16.60 -10.69
C VAL A 29 -13.43 -17.20 -9.90
N ASP A 30 -13.61 -18.41 -9.40
CA ASP A 30 -12.60 -19.06 -8.57
C ASP A 30 -12.47 -18.17 -7.33
N ASP A 31 -11.28 -17.67 -7.00
CA ASP A 31 -11.05 -16.80 -5.85
C ASP A 31 -10.90 -15.34 -6.26
N THR A 32 -11.29 -14.97 -7.47
CA THR A 32 -11.13 -13.61 -7.96
C THR A 32 -12.49 -12.94 -8.14
N GLN A 33 -12.65 -11.79 -7.48
CA GLN A 33 -13.87 -10.99 -7.56
C GLN A 33 -13.84 -10.16 -8.84
N PHE A 34 -14.96 -10.14 -9.57
CA PHE A 34 -15.03 -9.36 -10.80
C PHE A 34 -16.15 -8.34 -10.84
N VAL A 35 -17.14 -8.40 -9.96
CA VAL A 35 -18.22 -7.42 -9.99
C VAL A 35 -18.70 -7.22 -8.57
N ARG A 36 -19.11 -5.99 -8.26
CA ARG A 36 -19.53 -5.67 -6.89
C ARG A 36 -20.74 -4.74 -6.90
N PHE A 37 -21.57 -4.83 -5.86
CA PHE A 37 -22.73 -3.96 -5.74
C PHE A 37 -22.91 -3.66 -4.25
N ASP A 38 -23.21 -2.40 -3.93
CA ASP A 38 -23.39 -1.98 -2.54
C ASP A 38 -24.49 -0.94 -2.44
N SER A 39 -25.56 -1.26 -1.72
CA SER A 39 -26.68 -0.32 -1.57
C SER A 39 -26.23 1.00 -0.94
N ASP A 40 -25.13 1.00 -0.18
CA ASP A 40 -24.67 2.23 0.45
C ASP A 40 -24.04 3.21 -0.53
N SER A 41 -23.43 2.70 -1.61
CA SER A 41 -22.80 3.57 -2.59
C SER A 41 -23.71 4.74 -2.94
N ALA A 42 -23.11 5.89 -3.25
CA ALA A 42 -23.89 7.05 -3.64
C ALA A 42 -24.77 6.76 -4.85
N SER A 43 -24.31 5.87 -5.72
CA SER A 43 -25.06 5.46 -6.91
C SER A 43 -25.05 3.95 -6.90
N PRO A 44 -26.03 3.33 -6.21
CA PRO A 44 -26.08 1.86 -6.16
C PRO A 44 -26.17 1.25 -7.55
N ARG A 45 -25.14 0.52 -7.94
CA ARG A 45 -25.11 -0.12 -9.24
C ARG A 45 -23.99 -1.13 -9.27
N MET A 46 -24.18 -2.18 -10.07
CA MET A 46 -23.16 -3.20 -10.21
C MET A 46 -21.96 -2.58 -10.91
N GLU A 47 -20.78 -2.71 -10.30
CA GLU A 47 -19.60 -2.12 -10.91
C GLU A 47 -18.41 -3.07 -10.97
N PRO A 48 -17.60 -2.95 -12.02
CA PRO A 48 -16.44 -3.81 -12.21
C PRO A 48 -15.40 -3.78 -11.10
N ARG A 49 -14.87 -4.98 -10.81
CA ARG A 49 -13.82 -5.20 -9.84
C ARG A 49 -12.61 -5.93 -10.45
N ALA A 50 -12.75 -6.38 -11.70
CA ALA A 50 -11.71 -7.10 -12.40
C ALA A 50 -11.58 -6.45 -13.77
N PRO A 51 -10.35 -6.23 -14.26
CA PRO A 51 -10.16 -5.59 -15.58
C PRO A 51 -10.88 -6.23 -16.76
N TRP A 52 -10.95 -7.56 -16.80
CA TRP A 52 -11.54 -8.29 -17.93
C TRP A 52 -13.06 -8.18 -18.10
N VAL A 53 -13.83 -7.40 -17.33
CA VAL A 53 -15.27 -7.40 -17.60
C VAL A 53 -15.79 -5.98 -17.76
N GLU A 54 -14.95 -5.00 -17.46
CA GLU A 54 -15.32 -3.60 -17.62
C GLU A 54 -15.57 -3.28 -19.09
N GLN A 55 -14.97 -4.07 -19.99
CA GLN A 55 -15.09 -3.85 -21.43
C GLN A 55 -16.51 -4.15 -21.91
N GLU A 56 -17.25 -5.00 -21.20
CA GLU A 56 -18.61 -5.34 -21.59
C GLU A 56 -19.41 -4.08 -21.91
N GLY A 57 -20.24 -4.16 -22.94
CA GLY A 57 -21.04 -3.05 -23.38
C GLY A 57 -21.99 -2.50 -22.33
N PRO A 58 -22.62 -1.37 -22.62
CA PRO A 58 -23.54 -0.77 -21.65
C PRO A 58 -24.82 -1.57 -21.42
N GLU A 59 -25.20 -2.46 -22.28
CA GLU A 59 -26.38 -3.20 -21.99
C GLU A 59 -26.11 -4.05 -20.79
N TYR A 60 -24.97 -4.73 -20.82
CA TYR A 60 -24.61 -5.65 -19.74
C TYR A 60 -24.79 -4.98 -18.38
N TRP A 61 -24.10 -3.87 -18.17
CA TRP A 61 -24.21 -3.15 -16.90
C TRP A 61 -25.63 -2.68 -16.63
N GLU A 62 -26.38 -2.29 -17.66
CA GLU A 62 -27.75 -1.86 -17.43
C GLU A 62 -28.62 -2.99 -16.92
N GLU A 63 -28.43 -4.20 -17.45
CA GLU A 63 -29.24 -5.34 -17.01
C GLU A 63 -28.72 -5.88 -15.69
N GLU A 64 -27.41 -6.03 -15.54
CA GLU A 64 -26.84 -6.50 -14.28
C GLU A 64 -27.27 -5.61 -13.13
N THR A 65 -27.23 -4.29 -13.34
CA THR A 65 -27.60 -3.33 -12.30
C THR A 65 -29.10 -3.43 -12.02
N ARG A 66 -29.91 -3.37 -13.07
CA ARG A 66 -31.36 -3.44 -12.90
C ARG A 66 -31.77 -4.71 -12.16
N ASN A 67 -31.17 -5.85 -12.52
CA ASN A 67 -31.50 -7.10 -11.86
C ASN A 67 -31.05 -7.10 -10.41
N THR A 68 -29.82 -6.63 -10.16
CA THR A 68 -29.29 -6.63 -8.79
C THR A 68 -30.11 -5.72 -7.89
N LYS A 69 -30.64 -4.62 -8.42
CA LYS A 69 -31.48 -3.76 -7.58
C LYS A 69 -32.72 -4.52 -7.15
N ALA A 70 -33.25 -5.35 -8.05
CA ALA A 70 -34.42 -6.16 -7.73
C ALA A 70 -34.08 -7.19 -6.66
N HIS A 71 -32.83 -7.66 -6.63
CA HIS A 71 -32.42 -8.60 -5.60
C HIS A 71 -32.43 -7.91 -4.24
N ALA A 72 -31.89 -6.70 -4.18
CA ALA A 72 -31.86 -5.95 -2.92
C ALA A 72 -33.28 -5.80 -2.38
N GLN A 73 -34.21 -5.37 -3.25
CA GLN A 73 -35.58 -5.19 -2.81
C GLN A 73 -36.18 -6.50 -2.33
N THR A 74 -35.87 -7.61 -3.00
CA THR A 74 -36.42 -8.90 -2.59
C THR A 74 -35.87 -9.34 -1.24
N ASP A 75 -34.54 -9.32 -1.05
CA ASP A 75 -34.01 -9.74 0.24
C ASP A 75 -34.47 -8.82 1.35
N ARG A 76 -34.73 -7.55 1.03
CA ARG A 76 -35.23 -6.64 2.04
C ARG A 76 -36.61 -7.09 2.47
N MET A 77 -37.39 -7.55 1.49
CA MET A 77 -38.73 -8.04 1.76
C MET A 77 -38.63 -9.38 2.50
N ASN A 78 -37.63 -10.20 2.15
CA ASN A 78 -37.40 -11.49 2.81
C ASN A 78 -37.01 -11.29 4.27
N LEU A 79 -36.23 -10.24 4.55
CA LEU A 79 -35.82 -9.98 5.92
C LEU A 79 -37.04 -9.85 6.82
N GLN A 80 -38.09 -9.22 6.32
CA GLN A 80 -39.30 -9.07 7.12
C GLN A 80 -40.11 -10.36 7.12
N THR A 81 -40.11 -11.09 6.00
CA THR A 81 -40.83 -12.37 5.95
C THR A 81 -40.24 -13.34 6.95
N LEU A 82 -38.91 -13.47 6.96
CA LEU A 82 -38.27 -14.38 7.91
C LEU A 82 -38.45 -13.87 9.34
N ARG A 83 -38.47 -12.55 9.56
CA ARG A 83 -38.66 -12.06 10.91
C ARG A 83 -40.00 -12.57 11.44
N GLY A 84 -40.98 -12.73 10.55
CA GLY A 84 -42.27 -13.25 10.93
C GLY A 84 -42.22 -14.73 11.25
N TYR A 85 -41.54 -15.52 10.40
CA TYR A 85 -41.45 -16.95 10.65
C TYR A 85 -40.84 -17.23 12.01
N TYR A 86 -39.77 -16.53 12.36
CA TYR A 86 -39.11 -16.75 13.63
C TYR A 86 -39.69 -15.88 14.75
N ASN A 87 -40.74 -15.12 14.48
CA ASN A 87 -41.37 -14.27 15.50
C ASN A 87 -40.32 -13.45 16.24
N GLN A 88 -39.61 -12.64 15.49
CA GLN A 88 -38.55 -11.85 16.09
C GLN A 88 -38.94 -10.38 16.20
N SER A 89 -38.31 -9.73 17.17
CA SER A 89 -38.50 -8.32 17.44
C SER A 89 -38.22 -7.50 16.19
N GLU A 90 -38.62 -6.24 16.22
CA GLU A 90 -38.43 -5.34 15.10
C GLU A 90 -37.26 -4.41 15.36
N ALA A 91 -36.60 -4.56 16.51
CA ALA A 91 -35.47 -3.74 16.89
C ALA A 91 -34.15 -4.48 16.77
N SER A 92 -34.17 -5.77 16.47
CA SER A 92 -32.96 -6.57 16.33
C SER A 92 -32.48 -6.55 14.89
N SER A 93 -31.18 -6.74 14.71
CA SER A 93 -30.55 -6.76 13.40
C SER A 93 -30.48 -8.21 12.93
N HIS A 94 -30.75 -8.44 11.65
CA HIS A 94 -30.69 -9.78 11.12
C HIS A 94 -29.96 -9.79 9.78
N THR A 95 -29.35 -10.93 9.46
CA THR A 95 -28.56 -11.08 8.25
C THR A 95 -29.06 -12.23 7.38
N LEU A 96 -29.35 -11.93 6.11
CA LEU A 96 -29.79 -12.95 5.16
C LEU A 96 -28.70 -13.07 4.09
N GLN A 97 -27.96 -14.17 4.11
CA GLN A 97 -26.89 -14.39 3.15
C GLN A 97 -27.29 -15.39 2.07
N TRP A 98 -26.87 -15.10 0.84
CA TRP A 98 -27.17 -15.93 -0.33
C TRP A 98 -25.89 -16.24 -1.09
N MET A 99 -25.90 -17.42 -1.73
CA MET A 99 -24.76 -17.87 -2.50
C MET A 99 -25.29 -18.74 -3.63
N ILE A 100 -24.67 -18.62 -4.80
CA ILE A 100 -25.02 -19.41 -5.96
C ILE A 100 -23.74 -19.57 -6.77
N GLY A 101 -23.63 -20.67 -7.51
CA GLY A 101 -22.44 -20.89 -8.31
C GLY A 101 -22.51 -22.20 -9.07
N CYS A 102 -21.64 -22.29 -10.07
CA CYS A 102 -21.50 -23.47 -10.90
C CYS A 102 -20.04 -23.87 -10.98
N ASP A 103 -19.78 -25.19 -10.98
CA ASP A 103 -18.44 -25.74 -11.08
C ASP A 103 -18.26 -26.56 -12.35
N LEU A 104 -17.12 -26.35 -13.02
CA LEU A 104 -16.77 -27.04 -14.25
C LEU A 104 -15.73 -28.11 -13.97
N LEU A 110 -20.26 -28.71 -16.70
CA LEU A 110 -20.94 -28.48 -15.42
C LEU A 110 -20.94 -29.76 -14.60
N LEU A 111 -20.23 -29.75 -13.47
CA LEU A 111 -20.20 -30.89 -12.57
C LEU A 111 -21.26 -30.82 -11.50
N ARG A 112 -21.46 -29.63 -10.95
CA ARG A 112 -22.42 -29.44 -9.88
C ARG A 112 -22.81 -27.99 -9.75
N GLY A 113 -24.06 -27.75 -9.37
CA GLY A 113 -24.55 -26.40 -9.18
C GLY A 113 -25.02 -26.23 -7.75
N TYR A 114 -25.21 -25.02 -7.36
CA TYR A 114 -25.72 -24.78 -6.03
C TYR A 114 -26.44 -23.45 -5.88
N GLU A 115 -27.15 -23.33 -4.79
CA GLU A 115 -27.87 -22.14 -4.38
C GLU A 115 -28.24 -22.38 -2.93
N GLN A 116 -27.79 -21.50 -2.04
CA GLN A 116 -28.04 -21.68 -0.62
C GLN A 116 -28.33 -20.33 0.00
N TYR A 117 -29.07 -20.38 1.10
CA TYR A 117 -29.48 -19.19 1.82
C TYR A 117 -29.11 -19.42 3.28
N ALA A 118 -28.74 -18.35 3.97
CA ALA A 118 -28.41 -18.47 5.38
C ALA A 118 -29.01 -17.32 6.16
N TYR A 119 -29.57 -17.62 7.32
CA TYR A 119 -30.19 -16.60 8.16
C TYR A 119 -29.48 -16.55 9.50
N ASP A 120 -29.02 -15.34 9.86
CA ASP A 120 -28.30 -15.10 11.10
C ASP A 120 -27.18 -16.11 11.35
N GLY A 121 -26.41 -16.44 10.31
CA GLY A 121 -25.29 -17.35 10.47
C GLY A 121 -25.57 -18.82 10.27
N LYS A 122 -26.83 -19.24 10.27
CA LYS A 122 -27.17 -20.65 10.13
C LYS A 122 -27.75 -20.95 8.75
N ASP A 123 -27.56 -22.19 8.31
CA ASP A 123 -28.13 -22.63 7.05
C ASP A 123 -29.65 -22.50 7.12
N TYR A 124 -30.26 -22.05 6.02
CA TYR A 124 -31.71 -21.88 5.98
C TYR A 124 -32.32 -22.77 4.89
N LEU A 125 -32.14 -22.42 3.63
CA LEU A 125 -32.64 -23.19 2.50
C LEU A 125 -31.51 -23.46 1.54
N ALA A 126 -31.42 -24.69 1.04
CA ALA A 126 -30.37 -25.04 0.10
C ALA A 126 -30.93 -25.87 -1.04
N LEU A 127 -30.44 -25.60 -2.25
CA LEU A 127 -30.83 -26.37 -3.42
C LEU A 127 -29.97 -27.63 -3.47
N ASN A 128 -30.60 -28.78 -3.68
CA ASN A 128 -29.81 -30.00 -3.68
C ASN A 128 -28.98 -30.12 -4.97
N GLU A 129 -28.06 -31.06 -4.98
CA GLU A 129 -27.18 -31.21 -6.12
C GLU A 129 -27.98 -31.50 -7.38
N ASP A 130 -29.06 -32.27 -7.22
CA ASP A 130 -29.90 -32.64 -8.35
C ASP A 130 -30.58 -31.47 -9.05
N LEU A 131 -30.54 -30.28 -8.46
CA LEU A 131 -31.15 -29.08 -9.02
C LEU A 131 -32.65 -29.24 -9.29
N ARG A 132 -33.27 -30.19 -8.60
CA ARG A 132 -34.69 -30.48 -8.72
C ARG A 132 -35.40 -30.54 -7.37
N SER A 133 -34.70 -30.31 -6.27
CA SER A 133 -35.31 -30.35 -4.95
C SER A 133 -34.58 -29.41 -4.02
N TRP A 134 -35.19 -29.14 -2.88
CA TRP A 134 -34.68 -28.25 -1.86
C TRP A 134 -34.50 -29.00 -0.55
N THR A 135 -33.73 -28.38 0.35
CA THR A 135 -33.50 -28.92 1.68
C THR A 135 -33.71 -27.78 2.67
N ALA A 136 -34.66 -27.95 3.59
CA ALA A 136 -34.92 -26.95 4.61
C ALA A 136 -34.17 -27.28 5.90
N ALA A 137 -33.64 -26.25 6.53
CA ALA A 137 -32.88 -26.42 7.77
C ALA A 137 -33.74 -26.48 9.01
N ASP A 138 -34.93 -25.88 9.01
CA ASP A 138 -35.80 -25.88 10.18
C ASP A 138 -37.24 -25.70 9.72
N THR A 139 -38.15 -25.57 10.68
CA THR A 139 -39.56 -25.44 10.35
C THR A 139 -39.84 -24.20 9.52
N ALA A 140 -39.16 -23.09 9.82
CA ALA A 140 -39.37 -21.86 9.04
C ALA A 140 -38.97 -22.07 7.59
N ALA A 141 -37.83 -22.72 7.38
CA ALA A 141 -37.34 -22.99 6.03
C ALA A 141 -38.27 -23.93 5.27
N GLN A 142 -39.00 -24.78 5.99
CA GLN A 142 -39.93 -25.69 5.32
C GLN A 142 -41.03 -24.94 4.60
N ILE A 143 -41.41 -23.76 5.11
CA ILE A 143 -42.43 -22.95 4.44
C ILE A 143 -41.87 -22.46 3.12
N SER A 144 -40.66 -21.91 3.15
CA SER A 144 -40.03 -21.41 1.94
C SER A 144 -39.84 -22.56 0.96
N LYS A 145 -39.57 -23.76 1.49
CA LYS A 145 -39.39 -24.92 0.63
C LYS A 145 -40.68 -25.26 -0.10
N ARG A 146 -41.79 -25.38 0.63
CA ARG A 146 -43.05 -25.67 -0.03
C ARG A 146 -43.40 -24.57 -1.00
N LYS A 147 -43.15 -23.32 -0.62
CA LYS A 147 -43.44 -22.21 -1.51
C LYS A 147 -42.61 -22.32 -2.78
N CYS A 148 -41.36 -22.80 -2.65
CA CYS A 148 -40.51 -22.97 -3.81
C CYS A 148 -40.94 -24.17 -4.66
N GLU A 149 -41.38 -25.24 -4.00
CA GLU A 149 -41.81 -26.41 -4.76
C GLU A 149 -43.11 -26.13 -5.50
N ALA A 150 -44.09 -25.55 -4.80
CA ALA A 150 -45.37 -25.21 -5.42
C ALA A 150 -45.20 -24.23 -6.57
N ALA A 151 -44.11 -23.46 -6.57
CA ALA A 151 -43.84 -22.47 -7.60
C ALA A 151 -42.93 -22.99 -8.72
N ASN A 152 -42.44 -24.23 -8.60
CA ASN A 152 -41.57 -24.82 -9.64
C ASN A 152 -40.42 -23.90 -10.03
N VAL A 153 -39.88 -23.15 -9.07
CA VAL A 153 -38.81 -22.24 -9.39
C VAL A 153 -37.51 -23.00 -9.68
N ALA A 154 -37.39 -24.24 -9.20
CA ALA A 154 -36.17 -25.02 -9.43
C ALA A 154 -35.80 -25.01 -10.91
N GLU A 155 -36.78 -25.22 -11.78
CA GLU A 155 -36.49 -25.21 -13.22
C GLU A 155 -35.81 -23.92 -13.61
N GLN A 156 -36.32 -22.79 -13.12
CA GLN A 156 -35.72 -21.50 -13.44
C GLN A 156 -34.27 -21.45 -12.95
N ARG A 157 -34.03 -22.04 -11.77
CA ARG A 157 -32.68 -22.01 -11.19
C ARG A 157 -31.73 -22.95 -11.92
N ARG A 158 -32.19 -24.17 -12.24
CA ARG A 158 -31.28 -25.08 -12.93
C ARG A 158 -31.00 -24.59 -14.35
N ALA A 159 -31.99 -23.93 -14.98
CA ALA A 159 -31.77 -23.41 -16.32
C ALA A 159 -30.58 -22.45 -16.33
N TYR A 160 -30.51 -21.57 -15.34
CA TYR A 160 -29.39 -20.64 -15.25
C TYR A 160 -28.09 -21.38 -14.96
N LEU A 161 -28.11 -22.26 -13.96
CA LEU A 161 -26.90 -23.00 -13.60
C LEU A 161 -26.39 -23.87 -14.74
N GLU A 162 -27.29 -24.43 -15.55
CA GLU A 162 -26.85 -25.28 -16.65
C GLU A 162 -26.52 -24.48 -17.90
N GLY A 163 -27.13 -23.31 -18.06
CA GLY A 163 -26.88 -22.49 -19.22
C GLY A 163 -26.03 -21.28 -18.96
N THR A 164 -26.70 -20.14 -18.72
CA THR A 164 -26.04 -18.86 -18.47
C THR A 164 -24.80 -18.96 -17.58
N CYS A 165 -24.92 -19.57 -16.40
CA CYS A 165 -23.78 -19.67 -15.50
C CYS A 165 -22.57 -20.28 -16.21
N VAL A 166 -22.75 -21.46 -16.79
CA VAL A 166 -21.67 -22.12 -17.50
C VAL A 166 -21.28 -21.34 -18.75
N GLU A 167 -22.28 -20.92 -19.53
CA GLU A 167 -22.02 -20.18 -20.75
C GLU A 167 -21.14 -18.95 -20.50
N TRP A 168 -21.60 -18.05 -19.63
CA TRP A 168 -20.82 -16.85 -19.37
C TRP A 168 -19.53 -17.15 -18.62
N LEU A 169 -19.50 -18.24 -17.84
CA LEU A 169 -18.26 -18.60 -17.16
C LEU A 169 -17.16 -18.84 -18.19
N HIS A 170 -17.48 -19.57 -19.26
CA HIS A 170 -16.49 -19.82 -20.30
C HIS A 170 -16.01 -18.48 -20.87
N ARG A 171 -16.95 -17.57 -21.13
CA ARG A 171 -16.60 -16.26 -21.65
C ARG A 171 -15.61 -15.55 -20.74
N TYR A 172 -15.90 -15.47 -19.45
CA TYR A 172 -14.99 -14.82 -18.51
C TYR A 172 -13.65 -15.54 -18.43
N LEU A 173 -13.65 -16.86 -18.44
CA LEU A 173 -12.38 -17.58 -18.33
C LEU A 173 -11.44 -17.29 -19.48
N GLU A 174 -11.96 -16.84 -20.62
CA GLU A 174 -11.10 -16.53 -21.76
C GLU A 174 -10.65 -15.07 -21.72
N ASN A 175 -11.60 -14.16 -21.46
CA ASN A 175 -11.31 -12.73 -21.39
C ASN A 175 -10.21 -12.42 -20.37
N GLY A 176 -10.23 -13.08 -19.22
CA GLY A 176 -9.24 -12.82 -18.19
C GLY A 176 -8.22 -13.94 -18.02
N LYS A 177 -7.93 -14.61 -19.13
CA LYS A 177 -6.99 -15.73 -19.18
C LYS A 177 -5.70 -15.49 -18.41
N GLU A 178 -5.14 -14.28 -18.49
CA GLU A 178 -3.91 -13.97 -17.78
C GLU A 178 -4.07 -14.02 -16.26
N MET A 179 -5.19 -13.52 -15.77
CA MET A 179 -5.48 -13.44 -14.33
C MET A 179 -6.12 -14.68 -13.72
N LEU A 180 -7.04 -15.33 -14.44
CA LEU A 180 -7.77 -16.47 -13.88
C LEU A 180 -7.10 -17.83 -14.04
N GLN A 181 -6.26 -18.02 -15.06
CA GLN A 181 -5.63 -19.33 -15.28
C GLN A 181 -4.14 -19.36 -14.94
N ARG A 182 -3.69 -18.51 -14.02
CA ARG A 182 -2.29 -18.47 -13.59
C ARG A 182 -2.20 -18.70 -12.09
N ALA A 183 -1.31 -19.59 -11.68
CA ALA A 183 -1.05 -19.91 -10.28
C ALA A 183 0.35 -19.44 -9.89
N ASP A 184 0.45 -18.64 -8.82
CA ASP A 184 1.75 -18.20 -8.34
C ASP A 184 2.25 -19.15 -7.26
N PRO A 185 3.42 -19.76 -7.42
CA PRO A 185 3.92 -20.69 -6.39
C PRO A 185 4.28 -19.98 -5.09
N PRO A 186 4.29 -20.73 -3.98
CA PRO A 186 4.65 -20.13 -2.68
C PRO A 186 6.15 -20.00 -2.43
N LYS A 187 6.55 -18.85 -1.87
CA LYS A 187 7.93 -18.64 -1.47
C LYS A 187 8.01 -19.22 -0.07
N THR A 188 8.94 -20.14 0.18
CA THR A 188 8.96 -20.78 1.48
C THR A 188 10.33 -20.77 2.15
N HIS A 189 10.29 -20.83 3.47
CA HIS A 189 11.46 -20.92 4.34
C HIS A 189 10.98 -21.27 5.74
N VAL A 190 11.92 -21.66 6.59
CA VAL A 190 11.64 -22.01 7.97
C VAL A 190 12.40 -21.03 8.86
N THR A 191 11.82 -20.70 10.01
CA THR A 191 12.47 -19.83 10.97
C THR A 191 12.59 -20.54 12.31
N HIS A 192 13.60 -20.14 13.09
CA HIS A 192 13.87 -20.74 14.39
C HIS A 192 13.62 -19.71 15.48
N HIS A 193 12.87 -20.10 16.51
CA HIS A 193 12.52 -19.23 17.62
C HIS A 193 12.76 -19.94 18.94
N PRO A 194 13.92 -19.72 19.58
CA PRO A 194 14.21 -20.39 20.86
C PRO A 194 13.33 -19.87 21.99
N VAL A 195 12.73 -20.80 22.73
CA VAL A 195 11.92 -20.48 23.89
C VAL A 195 12.64 -20.95 25.14
N GLU A 199 13.80 -25.67 24.95
CA GLU A 199 12.91 -25.95 23.83
C GLU A 199 13.01 -24.77 22.86
N ALA A 200 12.31 -24.90 21.73
CA ALA A 200 12.33 -23.83 20.72
C ALA A 200 11.18 -24.05 19.74
N THR A 201 10.75 -22.96 19.11
CA THR A 201 9.66 -23.00 18.13
C THR A 201 10.16 -22.94 16.69
N LEU A 202 9.65 -23.85 15.86
CA LEU A 202 9.94 -23.92 14.43
C LEU A 202 8.73 -23.39 13.66
N ARG A 203 8.91 -22.33 12.87
CA ARG A 203 7.81 -21.76 12.11
C ARG A 203 8.06 -21.95 10.62
N CYS A 204 7.08 -22.52 9.92
CA CYS A 204 7.17 -22.79 8.48
C CYS A 204 6.35 -21.77 7.71
N TRP A 205 6.97 -21.04 6.79
CA TRP A 205 6.29 -20.02 6.01
C TRP A 205 6.06 -20.36 4.54
N ALA A 206 4.90 -19.91 4.04
CA ALA A 206 4.49 -20.03 2.64
C ALA A 206 4.03 -18.63 2.25
N LEU A 207 4.78 -17.95 1.38
CA LEU A 207 4.44 -16.58 1.01
C LEU A 207 4.20 -16.37 -0.47
N GLY A 208 3.54 -15.25 -0.77
CA GLY A 208 3.23 -14.84 -2.13
C GLY A 208 2.66 -15.89 -3.06
N PHE A 209 1.71 -16.69 -2.57
CA PHE A 209 1.11 -17.72 -3.41
C PHE A 209 -0.33 -17.38 -3.79
N TYR A 210 -0.81 -18.11 -4.80
CA TYR A 210 -2.13 -18.02 -5.38
C TYR A 210 -2.39 -19.29 -6.18
N PRO A 211 -3.58 -19.90 -6.08
CA PRO A 211 -4.75 -19.51 -5.27
C PRO A 211 -4.54 -19.68 -3.76
N ALA A 212 -5.59 -19.38 -2.99
CA ALA A 212 -5.50 -19.47 -1.53
C ALA A 212 -5.37 -20.90 -1.01
N GLU A 213 -5.97 -21.88 -1.70
CA GLU A 213 -5.88 -23.27 -1.25
C GLU A 213 -4.43 -23.71 -1.11
N ILE A 214 -4.10 -24.31 0.03
CA ILE A 214 -2.76 -24.80 0.29
C ILE A 214 -2.84 -25.77 1.46
N ILE A 215 -1.87 -26.71 1.50
CA ILE A 215 -1.81 -27.72 2.55
C ILE A 215 -0.44 -27.61 3.21
N LEU A 216 -0.44 -27.25 4.50
CA LEU A 216 0.79 -27.14 5.28
C LEU A 216 0.74 -28.11 6.45
N THR A 217 1.78 -28.96 6.55
CA THR A 217 1.87 -29.93 7.62
C THR A 217 3.34 -30.12 8.02
N TRP A 218 3.44 -30.43 9.30
CA TRP A 218 4.68 -30.73 10.01
C TRP A 218 4.68 -32.24 10.22
N GLN A 227 -0.73 -32.21 15.57
CA GLN A 227 -1.43 -32.75 16.73
C GLN A 227 -1.17 -31.68 17.80
N ASP A 228 0.00 -31.08 17.71
CA ASP A 228 0.37 -30.02 18.60
C ASP A 228 0.88 -28.80 17.85
N VAL A 229 0.73 -28.84 16.53
CA VAL A 229 1.13 -27.77 15.64
C VAL A 229 0.09 -26.65 15.53
N GLU A 230 0.56 -25.41 15.68
CA GLU A 230 -0.30 -24.24 15.55
C GLU A 230 -0.37 -23.86 14.08
N LEU A 231 -1.58 -23.62 13.59
CA LEU A 231 -1.80 -23.33 12.17
C LEU A 231 -2.77 -22.17 12.07
N VAL A 232 -2.30 -21.06 11.52
CA VAL A 232 -3.14 -19.88 11.34
C VAL A 232 -3.89 -19.95 10.01
N GLU A 233 -5.10 -19.42 10.03
CA GLU A 233 -5.92 -19.36 8.83
C GLU A 233 -5.16 -18.64 7.73
N THR A 234 -5.37 -19.07 6.48
CA THR A 234 -4.67 -18.44 5.37
C THR A 234 -5.15 -16.99 5.25
N ARG A 235 -4.20 -16.07 5.08
CA ARG A 235 -4.54 -14.66 5.04
C ARG A 235 -4.10 -13.98 3.75
N PRO A 236 -4.83 -12.96 3.32
CA PRO A 236 -4.48 -12.23 2.10
C PRO A 236 -3.32 -11.27 2.34
N ALA A 237 -2.35 -11.26 1.41
CA ALA A 237 -1.21 -10.36 1.58
C ALA A 237 -1.58 -8.91 1.26
N GLY A 238 -2.60 -8.70 0.44
CA GLY A 238 -3.08 -7.39 0.04
C GLY A 238 -2.74 -7.01 -1.39
N ASP A 239 -1.87 -7.77 -2.05
CA ASP A 239 -1.47 -7.52 -3.43
C ASP A 239 -2.09 -8.53 -4.39
N GLY A 240 -2.86 -9.47 -3.87
CA GLY A 240 -3.49 -10.52 -4.66
C GLY A 240 -2.99 -11.90 -4.28
N THR A 241 -1.89 -11.99 -3.53
CA THR A 241 -1.34 -13.26 -3.09
C THR A 241 -1.76 -13.53 -1.65
N PHE A 242 -1.43 -14.72 -1.16
CA PHE A 242 -1.82 -15.10 0.19
C PHE A 242 -0.60 -15.53 1.00
N GLN A 243 -0.81 -15.69 2.30
CA GLN A 243 0.25 -16.14 3.20
C GLN A 243 -0.34 -17.15 4.18
N LYS A 244 0.55 -17.93 4.79
CA LYS A 244 0.17 -18.90 5.80
C LYS A 244 1.44 -19.47 6.41
N TRP A 245 1.43 -19.71 7.71
CA TRP A 245 2.57 -20.31 8.37
C TRP A 245 2.09 -21.36 9.36
N ALA A 246 3.00 -22.27 9.73
CA ALA A 246 2.71 -23.32 10.68
C ALA A 246 3.90 -23.41 11.62
N ALA A 247 3.63 -23.52 12.93
CA ALA A 247 4.69 -23.58 13.92
C ALA A 247 4.57 -24.81 14.78
N VAL A 248 5.67 -25.14 15.47
CA VAL A 248 5.72 -26.31 16.35
C VAL A 248 6.85 -26.14 17.35
N VAL A 249 6.54 -26.31 18.63
CA VAL A 249 7.54 -26.18 19.68
C VAL A 249 8.29 -27.50 19.76
N VAL A 250 9.61 -27.45 19.73
CA VAL A 250 10.40 -28.67 19.76
C VAL A 250 11.57 -28.56 20.74
N PRO A 251 12.06 -29.67 21.29
CA PRO A 251 13.19 -29.60 22.23
C PRO A 251 14.47 -29.25 21.49
N SER A 252 15.34 -28.50 22.17
CA SER A 252 16.62 -28.15 21.58
C SER A 252 17.30 -29.41 21.05
N GLY A 253 18.05 -29.26 19.95
CA GLY A 253 18.74 -30.37 19.35
C GLY A 253 17.85 -31.37 18.65
N GLU A 254 16.54 -31.33 18.84
CA GLU A 254 15.60 -32.22 18.18
C GLU A 254 14.99 -31.57 16.94
N GLU A 255 15.52 -30.42 16.54
CA GLU A 255 15.02 -29.69 15.36
C GLU A 255 15.03 -30.55 14.10
N GLN A 256 16.17 -31.15 13.80
CA GLN A 256 16.36 -31.94 12.59
C GLN A 256 15.33 -33.06 12.41
N ARG A 257 14.72 -33.58 13.47
CA ARG A 257 13.71 -34.61 13.28
C ARG A 257 12.41 -34.09 12.69
N TYR A 258 12.26 -32.78 12.51
CA TYR A 258 11.04 -32.19 11.99
C TYR A 258 11.23 -31.62 10.60
N THR A 259 10.23 -31.84 9.74
CA THR A 259 10.24 -31.34 8.37
C THR A 259 8.87 -30.79 8.02
N CYS A 260 8.85 -29.71 7.24
CA CYS A 260 7.62 -29.05 6.83
C CYS A 260 7.24 -29.51 5.43
N HIS A 261 5.97 -29.86 5.25
CA HIS A 261 5.44 -30.31 3.97
C HIS A 261 4.53 -29.22 3.39
N VAL A 262 4.83 -28.77 2.17
CA VAL A 262 4.05 -27.73 1.53
C VAL A 262 3.49 -28.32 0.24
N GLN A 263 2.16 -28.30 0.12
CA GLN A 263 1.43 -28.81 -1.04
C GLN A 263 0.66 -27.64 -1.64
N HIS A 264 1.00 -27.27 -2.88
CA HIS A 264 0.31 -26.18 -3.54
C HIS A 264 0.12 -26.49 -5.01
N GLU A 265 -0.94 -25.93 -5.59
CA GLU A 265 -1.26 -26.18 -7.02
C GLU A 265 -0.17 -25.64 -8.03
N GLY A 266 0.40 -24.47 -7.75
CA GLY A 266 1.38 -23.89 -8.65
C GLY A 266 2.62 -24.79 -8.82
N LEU A 267 3.07 -25.35 -7.71
CA LEU A 267 4.24 -26.23 -7.75
C LEU A 267 3.90 -27.55 -8.44
N PRO A 268 4.81 -28.07 -9.25
CA PRO A 268 4.55 -29.35 -9.93
C PRO A 268 4.37 -30.50 -8.93
N GLU A 269 5.20 -30.48 -7.88
CA GLU A 269 5.21 -31.48 -6.80
C GLU A 269 5.36 -30.79 -5.43
N PRO A 270 4.97 -31.45 -4.32
CA PRO A 270 5.07 -30.80 -3.00
C PRO A 270 6.50 -30.92 -2.45
N LEU A 271 7.07 -29.78 -2.08
CA LEU A 271 8.42 -29.75 -1.50
C LEU A 271 8.36 -29.99 0.00
N MET A 272 9.50 -30.39 0.55
CA MET A 272 9.69 -30.69 1.97
C MET A 272 10.83 -29.82 2.47
N LEU A 273 10.61 -29.12 3.58
CA LEU A 273 11.63 -28.24 4.13
C LEU A 273 12.08 -28.71 5.50
N ARG A 274 13.27 -28.27 5.88
CA ARG A 274 13.88 -28.59 7.17
C ARG A 274 14.80 -27.43 7.53
N TRP A 275 14.84 -27.08 8.81
CA TRP A 275 15.68 -26.00 9.27
C TRP A 275 17.16 -26.31 9.02
N MET B 1 -29.12 -15.85 19.04
CA MET B 1 -28.83 -16.26 17.64
C MET B 1 -27.42 -16.81 17.55
N ILE B 2 -26.89 -16.92 16.33
CA ILE B 2 -25.55 -17.43 16.10
C ILE B 2 -24.63 -16.28 15.80
N GLN B 3 -23.57 -16.17 16.60
CA GLN B 3 -22.57 -15.16 16.45
C GLN B 3 -21.23 -15.86 16.53
N ARG B 4 -20.22 -15.26 15.94
CA ARG B 4 -18.89 -15.84 15.96
C ARG B 4 -17.89 -14.77 16.31
N THR B 5 -16.90 -15.14 17.07
CA THR B 5 -15.96 -14.12 17.43
C THR B 5 -14.99 -13.88 16.27
N PRO B 6 -14.50 -12.66 16.13
CA PRO B 6 -13.55 -12.35 15.06
C PRO B 6 -12.16 -12.84 15.41
N LYS B 7 -11.49 -13.34 14.37
CA LYS B 7 -10.12 -13.85 14.42
C LYS B 7 -9.23 -12.70 13.91
N ILE B 8 -8.05 -12.52 14.48
CA ILE B 8 -7.27 -11.36 14.07
C ILE B 8 -5.83 -11.76 13.79
N GLN B 9 -5.27 -11.12 12.77
CA GLN B 9 -3.88 -11.29 12.41
C GLN B 9 -3.30 -9.95 12.01
N VAL B 10 -2.15 -9.61 12.58
CA VAL B 10 -1.46 -8.36 12.26
C VAL B 10 -0.15 -8.76 11.63
N TYR B 11 0.14 -8.25 10.43
CA TYR B 11 1.35 -8.63 9.74
C TYR B 11 1.63 -7.62 8.64
N SER B 12 2.84 -7.71 8.09
CA SER B 12 3.30 -6.84 7.01
C SER B 12 3.06 -7.52 5.66
N ARG B 13 2.86 -6.70 4.63
CA ARG B 13 2.65 -7.25 3.27
C ARG B 13 3.87 -8.01 2.83
N HIS B 14 5.05 -7.48 3.13
CA HIS B 14 6.38 -7.99 2.78
C HIS B 14 7.20 -8.19 4.06
N PRO B 15 8.27 -8.98 4.00
CA PRO B 15 9.08 -9.20 5.21
C PRO B 15 9.54 -7.87 5.78
N ALA B 16 9.33 -7.72 7.09
CA ALA B 16 9.65 -6.48 7.79
C ALA B 16 11.15 -6.19 7.87
N GLU B 17 11.54 -4.99 7.47
CA GLU B 17 12.91 -4.53 7.57
C GLU B 17 12.87 -3.04 7.91
N ASN B 18 13.32 -2.69 9.12
CA ASN B 18 13.31 -1.30 9.58
C ASN B 18 13.79 -0.33 8.50
N GLY B 19 13.11 0.81 8.43
CA GLY B 19 13.45 1.84 7.47
C GLY B 19 12.90 1.66 6.07
N LYS B 20 12.38 0.49 5.72
CA LYS B 20 11.85 0.23 4.38
C LYS B 20 10.33 0.26 4.36
N SER B 21 9.79 1.05 3.43
CA SER B 21 8.36 1.18 3.27
C SER B 21 7.71 -0.19 3.16
N ASN B 22 6.50 -0.30 3.69
CA ASN B 22 5.76 -1.54 3.69
C ASN B 22 4.28 -1.23 3.89
N PHE B 23 3.49 -2.28 4.12
CA PHE B 23 2.06 -2.17 4.36
C PHE B 23 1.71 -2.97 5.61
N LEU B 24 1.03 -2.33 6.55
CA LEU B 24 0.61 -3.00 7.77
C LEU B 24 -0.80 -3.51 7.55
N ASN B 25 -1.00 -4.81 7.78
CA ASN B 25 -2.29 -5.44 7.57
C ASN B 25 -2.90 -5.94 8.87
N CYS B 26 -4.23 -5.84 8.95
CA CYS B 26 -4.99 -6.39 10.06
C CYS B 26 -6.09 -7.20 9.39
N TYR B 27 -5.93 -8.51 9.38
CA TYR B 27 -6.89 -9.41 8.75
C TYR B 27 -7.86 -9.92 9.81
N VAL B 28 -9.14 -9.60 9.65
CA VAL B 28 -10.17 -9.99 10.60
C VAL B 28 -11.12 -10.92 9.86
N SER B 29 -11.29 -12.14 10.38
CA SER B 29 -12.11 -13.13 9.70
C SER B 29 -12.88 -13.98 10.72
N GLY B 30 -13.71 -14.87 10.18
CA GLY B 30 -14.52 -15.81 10.94
C GLY B 30 -15.57 -15.22 11.85
N PHE B 31 -15.88 -13.93 11.72
CA PHE B 31 -16.87 -13.28 12.57
C PHE B 31 -18.24 -13.25 11.91
N HIS B 32 -19.26 -13.11 12.75
CA HIS B 32 -20.66 -13.02 12.37
C HIS B 32 -21.40 -12.41 13.56
N PRO B 33 -22.24 -11.38 13.37
CA PRO B 33 -22.61 -10.72 12.11
C PRO B 33 -21.49 -9.84 11.52
N SER B 34 -21.80 -9.13 10.43
CA SER B 34 -20.81 -8.32 9.74
C SER B 34 -20.46 -7.03 10.45
N ASP B 35 -21.34 -6.50 11.29
CA ASP B 35 -21.01 -5.27 12.00
C ASP B 35 -19.73 -5.47 12.81
N ILE B 36 -18.74 -4.61 12.57
CA ILE B 36 -17.45 -4.73 13.26
C ILE B 36 -16.74 -3.38 13.16
N GLU B 37 -15.85 -3.12 14.11
CA GLU B 37 -15.06 -1.90 14.11
C GLU B 37 -13.60 -2.30 14.20
N VAL B 38 -12.76 -1.70 13.36
CA VAL B 38 -11.34 -2.01 13.33
C VAL B 38 -10.51 -0.76 13.15
N ASP B 39 -9.57 -0.54 14.07
CA ASP B 39 -8.68 0.61 14.03
C ASP B 39 -7.24 0.10 14.07
N LEU B 40 -6.37 0.79 13.34
CA LEU B 40 -4.94 0.50 13.33
C LEU B 40 -4.30 1.55 14.21
N LEU B 41 -3.40 1.12 15.09
CA LEU B 41 -2.79 2.04 16.04
C LEU B 41 -1.28 2.09 15.92
N LYS B 42 -0.75 3.28 16.13
CA LYS B 42 0.68 3.56 16.14
C LYS B 42 0.99 4.10 17.53
N ASN B 43 1.71 3.29 18.32
CA ASN B 43 2.09 3.63 19.69
C ASN B 43 0.87 4.01 20.54
N GLY B 44 -0.28 3.39 20.22
CA GLY B 44 -1.51 3.61 20.94
C GLY B 44 -2.40 4.65 20.29
N GLU B 45 -1.83 5.47 19.43
CA GLU B 45 -2.54 6.54 18.73
C GLU B 45 -3.09 6.00 17.42
N ARG B 46 -4.39 6.23 17.21
CA ARG B 46 -5.09 5.78 16.02
C ARG B 46 -4.58 6.48 14.77
N ILE B 47 -4.49 5.70 13.70
CA ILE B 47 -4.00 6.12 12.39
C ILE B 47 -5.24 6.41 11.56
N GLU B 48 -5.32 7.64 11.04
CA GLU B 48 -6.50 8.05 10.28
C GLU B 48 -6.48 7.53 8.85
N LYS B 49 -5.33 7.51 8.21
CA LYS B 49 -5.23 7.03 6.83
C LYS B 49 -5.19 5.50 6.77
N VAL B 50 -6.35 4.87 6.60
CA VAL B 50 -6.38 3.41 6.50
C VAL B 50 -7.36 3.01 5.41
N GLU B 51 -7.13 1.83 4.86
CA GLU B 51 -7.93 1.20 3.82
C GLU B 51 -8.43 -0.16 4.28
N HIS B 52 -9.57 -0.59 3.74
CA HIS B 52 -10.09 -1.90 4.05
C HIS B 52 -10.61 -2.52 2.77
N SER B 53 -10.47 -3.83 2.66
CA SER B 53 -10.95 -4.56 1.48
C SER B 53 -12.47 -4.56 1.45
N ASP B 54 -13.04 -5.14 0.40
CA ASP B 54 -14.49 -5.23 0.32
C ASP B 54 -14.98 -6.32 1.24
N LEU B 55 -16.11 -6.09 1.90
CA LEU B 55 -16.67 -7.12 2.77
C LEU B 55 -16.99 -8.37 1.94
N SER B 56 -16.66 -9.53 2.50
CA SER B 56 -16.92 -10.80 1.82
C SER B 56 -17.20 -11.85 2.89
N PHE B 57 -17.29 -13.11 2.48
CA PHE B 57 -17.50 -14.17 3.45
C PHE B 57 -17.13 -15.51 2.81
N SER B 58 -16.89 -16.48 3.68
CA SER B 58 -16.51 -17.86 3.41
C SER B 58 -17.73 -18.76 3.29
N LYS B 59 -17.52 -19.98 2.79
CA LYS B 59 -18.67 -20.87 2.66
C LYS B 59 -19.12 -21.42 4.01
N ASP B 60 -18.68 -20.76 5.08
CA ASP B 60 -19.09 -21.06 6.44
C ASP B 60 -20.02 -19.92 6.92
N TRP B 61 -20.27 -18.99 5.99
CA TRP B 61 -21.09 -17.80 6.15
C TRP B 61 -20.39 -16.71 6.95
N SER B 62 -19.31 -17.05 7.67
CA SER B 62 -18.60 -16.03 8.44
C SER B 62 -17.98 -14.99 7.52
N PHE B 63 -17.93 -13.75 7.99
CA PHE B 63 -17.38 -12.61 7.25
C PHE B 63 -15.88 -12.46 7.47
N TYR B 64 -15.22 -11.77 6.53
CA TYR B 64 -13.80 -11.51 6.63
C TYR B 64 -13.47 -10.21 5.90
N LEU B 65 -12.50 -9.49 6.46
CA LEU B 65 -12.04 -8.21 5.98
C LEU B 65 -10.54 -8.08 6.17
N LEU B 66 -9.94 -7.20 5.36
CA LEU B 66 -8.53 -6.88 5.45
C LEU B 66 -8.46 -5.38 5.66
N TYR B 67 -7.69 -4.96 6.65
CA TYR B 67 -7.51 -3.56 6.93
C TYR B 67 -6.03 -3.29 6.71
N TYR B 68 -5.69 -2.17 6.08
CA TYR B 68 -4.28 -1.90 5.85
C TYR B 68 -4.00 -0.39 5.78
N THR B 69 -2.71 -0.06 5.86
CA THR B 69 -2.23 1.31 5.81
C THR B 69 -0.74 1.30 5.53
N GLU B 70 -0.28 2.26 4.72
CA GLU B 70 1.14 2.37 4.43
C GLU B 70 1.88 2.68 5.72
N PHE B 71 3.06 2.09 5.90
CA PHE B 71 3.85 2.38 7.08
C PHE B 71 5.31 2.01 6.82
N THR B 72 6.20 2.54 7.66
CA THR B 72 7.62 2.22 7.54
C THR B 72 8.06 1.62 8.87
N PRO B 73 8.49 0.34 8.89
CA PRO B 73 8.94 -0.26 10.16
C PRO B 73 10.03 0.53 10.86
N THR B 74 9.88 0.61 12.17
CA THR B 74 10.81 1.28 13.06
C THR B 74 11.20 0.29 14.14
N GLU B 75 12.34 0.52 14.79
CA GLU B 75 12.77 -0.38 15.86
C GLU B 75 12.11 -0.01 17.20
N LYS B 76 11.54 1.19 17.32
CA LYS B 76 10.91 1.63 18.56
C LYS B 76 9.42 1.93 18.44
N ASP B 77 8.88 2.13 17.24
CA ASP B 77 7.46 2.38 17.06
C ASP B 77 6.68 1.07 17.16
N GLU B 78 5.66 1.06 18.00
CA GLU B 78 4.83 -0.12 18.21
C GLU B 78 3.53 0.05 17.43
N TYR B 79 3.21 -0.94 16.61
CA TYR B 79 2.00 -0.92 15.82
C TYR B 79 1.06 -1.98 16.36
N ALA B 80 -0.25 -1.72 16.23
CA ALA B 80 -1.24 -2.65 16.73
C ALA B 80 -2.55 -2.45 15.99
N CYS B 81 -3.41 -3.45 16.13
CA CYS B 81 -4.73 -3.45 15.52
C CYS B 81 -5.75 -3.60 16.63
N ARG B 82 -6.81 -2.80 16.59
CA ARG B 82 -7.83 -2.84 17.63
C ARG B 82 -9.14 -3.21 16.95
N VAL B 83 -9.84 -4.18 17.52
CA VAL B 83 -11.10 -4.66 16.97
C VAL B 83 -12.17 -4.65 18.06
N ASN B 84 -13.36 -4.19 17.68
CA ASN B 84 -14.53 -4.18 18.55
C ASN B 84 -15.64 -4.90 17.79
N HIS B 85 -16.39 -5.73 18.51
CA HIS B 85 -17.42 -6.52 17.85
C HIS B 85 -18.43 -6.93 18.94
N VAL B 86 -19.68 -7.17 18.52
CA VAL B 86 -20.72 -7.49 19.51
C VAL B 86 -20.39 -8.71 20.35
N THR B 87 -19.42 -9.53 19.96
CA THR B 87 -19.07 -10.70 20.75
C THR B 87 -18.01 -10.39 21.79
N LEU B 88 -17.40 -9.20 21.72
CA LEU B 88 -16.34 -8.79 22.63
C LEU B 88 -16.91 -7.83 23.66
N SER B 89 -16.57 -8.03 24.93
CA SER B 89 -17.07 -7.14 25.96
C SER B 89 -16.41 -5.78 25.89
N GLN B 90 -15.16 -5.73 25.41
CA GLN B 90 -14.42 -4.49 25.21
C GLN B 90 -13.50 -4.73 24.01
N PRO B 91 -13.02 -3.67 23.36
CA PRO B 91 -12.16 -3.90 22.20
C PRO B 91 -10.92 -4.72 22.52
N LYS B 92 -10.56 -5.55 21.55
CA LYS B 92 -9.41 -6.45 21.60
C LYS B 92 -8.25 -5.82 20.83
N ILE B 93 -7.10 -5.67 21.49
CA ILE B 93 -5.94 -5.05 20.85
C ILE B 93 -4.90 -6.14 20.70
N VAL B 94 -4.23 -6.15 19.54
CA VAL B 94 -3.23 -7.14 19.20
C VAL B 94 -2.02 -6.44 18.62
N LYS B 95 -0.91 -6.50 19.34
CA LYS B 95 0.34 -5.88 18.92
C LYS B 95 0.90 -6.62 17.70
N TRP B 96 1.68 -5.90 16.91
CA TRP B 96 2.31 -6.45 15.71
C TRP B 96 3.70 -7.01 16.02
N ASP B 97 3.89 -8.29 15.72
CA ASP B 97 5.16 -8.97 15.92
C ASP B 97 5.68 -9.34 14.53
N ARG B 98 6.83 -8.78 14.14
CA ARG B 98 7.34 -9.08 12.80
C ARG B 98 7.70 -10.54 12.61
N ASP B 99 7.68 -11.35 13.66
CA ASP B 99 8.00 -12.77 13.53
C ASP B 99 6.77 -13.63 13.36
N MET B 100 5.61 -13.02 13.14
CA MET B 100 4.36 -13.74 12.97
C MET B 100 3.48 -13.06 11.92
N ARG C 1 -22.49 -13.21 -15.29
CA ARG C 1 -23.92 -12.80 -15.41
C ARG C 1 -24.73 -13.34 -14.24
N ILE C 2 -25.45 -12.45 -13.58
CA ILE C 2 -26.20 -12.80 -12.37
C ILE C 2 -27.59 -13.26 -12.79
N ILE C 3 -28.15 -14.17 -12.01
CA ILE C 3 -29.50 -14.68 -12.27
C ILE C 3 -30.50 -13.54 -12.07
N PRO C 4 -31.46 -13.34 -12.97
CA PRO C 4 -32.23 -12.08 -12.95
C PRO C 4 -33.14 -11.90 -11.73
N ARG C 5 -33.55 -12.99 -11.07
CA ARG C 5 -34.50 -12.89 -9.97
C ARG C 5 -33.97 -13.59 -8.73
N HIS C 6 -34.40 -13.07 -7.58
CA HIS C 6 -34.10 -13.62 -6.26
C HIS C 6 -35.31 -14.39 -5.75
N LEU C 7 -35.03 -15.44 -4.96
CA LEU C 7 -36.12 -16.23 -4.40
C LEU C 7 -36.92 -15.42 -3.38
N GLN C 8 -38.20 -15.79 -3.24
CA GLN C 8 -39.10 -15.20 -2.24
C GLN C 8 -39.32 -16.23 -1.14
N LEU C 9 -38.53 -16.14 -0.08
CA LEU C 9 -38.65 -17.06 1.05
C LEU C 9 -40.02 -16.94 1.71
N LYS D 6 12.66 -26.83 45.83
CA LYS D 6 12.06 -25.99 44.81
C LYS D 6 11.07 -25.02 45.45
N PRO D 7 10.81 -23.88 44.78
CA PRO D 7 9.93 -22.87 45.36
C PRO D 7 8.47 -23.09 44.99
N THR D 8 7.59 -22.24 45.52
CA THR D 8 6.18 -22.28 45.20
C THR D 8 5.86 -21.22 44.15
N LEU D 9 4.67 -21.33 43.57
CA LEU D 9 4.20 -20.34 42.60
C LEU D 9 2.70 -20.19 42.80
N TRP D 10 2.27 -19.01 43.24
CA TRP D 10 0.86 -18.68 43.35
C TRP D 10 0.62 -17.30 42.77
N ALA D 11 -0.65 -17.02 42.48
CA ALA D 11 -1.07 -15.76 41.87
C ALA D 11 -1.82 -14.93 42.90
N GLU D 12 -1.29 -13.74 43.19
CA GLU D 12 -1.99 -12.78 44.04
C GLU D 12 -2.73 -11.79 43.14
N PRO D 13 -4.05 -11.61 43.28
CA PRO D 13 -5.03 -12.26 44.15
C PRO D 13 -5.82 -13.38 43.46
N GLY D 14 -5.15 -14.45 43.04
CA GLY D 14 -5.82 -15.57 42.40
C GLY D 14 -5.37 -15.79 40.97
N SER D 15 -5.65 -16.97 40.43
CA SER D 15 -5.21 -17.35 39.10
C SER D 15 -6.25 -17.08 38.01
N VAL D 16 -7.49 -16.78 38.39
CA VAL D 16 -8.56 -16.46 37.43
C VAL D 16 -8.89 -14.99 37.61
N ILE D 17 -8.47 -14.18 36.64
CA ILE D 17 -8.56 -12.72 36.70
C ILE D 17 -9.32 -12.25 35.49
N THR D 18 -10.07 -11.16 35.65
CA THR D 18 -10.81 -10.56 34.56
C THR D 18 -9.95 -9.52 33.85
N GLN D 19 -10.27 -9.28 32.58
CA GLN D 19 -9.48 -8.36 31.76
C GLN D 19 -9.39 -6.98 32.41
N GLY D 20 -8.22 -6.37 32.30
CA GLY D 20 -8.02 -5.02 32.79
C GLY D 20 -7.71 -4.91 34.26
N SER D 21 -7.55 -6.03 34.97
CA SER D 21 -7.33 -6.01 36.41
C SER D 21 -5.89 -6.39 36.74
N PRO D 22 -5.36 -5.92 37.87
CA PRO D 22 -3.97 -6.23 38.22
C PRO D 22 -3.85 -7.58 38.90
N VAL D 23 -2.69 -8.20 38.72
CA VAL D 23 -2.39 -9.48 39.37
C VAL D 23 -0.89 -9.55 39.57
N THR D 24 -0.47 -10.31 40.58
CA THR D 24 0.94 -10.45 40.91
C THR D 24 1.25 -11.92 41.15
N LEU D 25 2.20 -12.45 40.38
CA LEU D 25 2.72 -13.79 40.59
C LEU D 25 3.85 -13.73 41.61
N ARG D 26 3.97 -14.80 42.41
CA ARG D 26 4.93 -14.85 43.49
C ARG D 26 5.69 -16.16 43.47
N CYS D 27 6.93 -16.12 43.94
CA CYS D 27 7.72 -17.33 44.15
C CYS D 27 8.22 -17.35 45.59
N THR D 33 16.11 -17.52 48.48
CA THR D 33 16.66 -16.27 49.01
C THR D 33 16.53 -15.14 47.99
N GLN D 34 17.18 -15.30 46.84
CA GLN D 34 17.18 -14.27 45.81
C GLN D 34 17.36 -14.93 44.44
N GLU D 35 17.41 -14.09 43.41
CA GLU D 35 17.70 -14.52 42.04
C GLU D 35 16.65 -15.50 41.53
N TYR D 36 15.40 -15.03 41.50
CA TYR D 36 14.32 -15.81 40.92
C TYR D 36 14.27 -15.64 39.42
N ARG D 37 13.73 -16.64 38.74
CA ARG D 37 13.46 -16.56 37.31
C ARG D 37 12.09 -17.16 37.04
N LEU D 38 11.29 -16.44 36.25
CA LEU D 38 9.94 -16.85 35.90
C LEU D 38 9.85 -17.01 34.38
N TYR D 39 9.08 -18.00 33.93
CA TYR D 39 8.95 -18.22 32.49
C TYR D 39 7.59 -18.84 32.20
N ARG D 40 7.06 -18.50 31.02
CA ARG D 40 5.88 -19.14 30.48
C ARG D 40 6.28 -20.31 29.58
N GLU D 41 5.55 -21.41 29.78
CA GLU D 41 5.77 -22.63 29.01
C GLU D 41 5.13 -22.42 27.65
N LYS D 42 5.71 -23.02 26.62
CA LYS D 42 5.16 -22.83 25.28
C LYS D 42 5.29 -21.54 24.50
N LYS D 43 4.79 -20.43 25.03
CA LYS D 43 4.93 -19.12 24.42
C LYS D 43 5.62 -18.21 25.41
N THR D 44 6.79 -17.67 25.02
CA THR D 44 7.56 -16.83 25.92
C THR D 44 6.77 -15.56 26.27
N ALA D 45 7.10 -14.99 27.43
CA ALA D 45 6.40 -13.84 28.00
C ALA D 45 7.38 -12.68 28.15
N PRO D 46 7.47 -11.79 27.16
CA PRO D 46 8.46 -10.70 27.24
C PRO D 46 8.10 -9.62 28.23
N TRP D 47 6.91 -9.66 28.83
CA TRP D 47 6.56 -8.68 29.86
C TRP D 47 7.34 -8.90 31.15
N ILE D 48 7.97 -10.06 31.31
CA ILE D 48 8.77 -10.33 32.50
C ILE D 48 10.19 -9.79 32.37
N THR D 49 10.61 -9.45 31.15
CA THR D 49 11.92 -8.82 30.96
C THR D 49 11.96 -7.39 31.48
N ARG D 50 10.81 -6.76 31.73
CA ARG D 50 10.73 -5.36 32.07
C ARG D 50 10.63 -5.11 33.57
N ILE D 51 10.04 -6.04 34.33
CA ILE D 51 9.86 -5.88 35.76
C ILE D 51 11.21 -5.48 36.36
N PRO D 52 11.28 -4.42 37.18
CA PRO D 52 12.55 -4.09 37.82
C PRO D 52 13.07 -5.28 38.61
N GLN D 53 14.39 -5.42 38.65
CA GLN D 53 14.97 -6.55 39.34
C GLN D 53 14.76 -6.47 40.85
N GLU D 54 14.57 -5.27 41.40
CA GLU D 54 14.25 -5.14 42.82
C GLU D 54 12.96 -5.86 43.15
N LEU D 55 12.01 -5.88 42.21
CA LEU D 55 10.80 -6.66 42.38
C LEU D 55 10.99 -8.13 41.99
N VAL D 56 11.99 -8.42 41.14
CA VAL D 56 12.37 -9.80 40.89
C VAL D 56 13.03 -10.40 42.12
N LYS D 57 13.87 -9.64 42.80
CA LYS D 57 14.57 -10.15 43.98
C LYS D 57 13.58 -10.46 45.11
N LYS D 58 12.54 -9.65 45.25
CA LYS D 58 11.46 -9.97 46.18
C LYS D 58 10.53 -11.06 45.66
N GLY D 59 10.80 -11.59 44.46
CA GLY D 59 9.94 -12.60 43.88
C GLY D 59 8.57 -12.10 43.51
N GLN D 60 8.45 -10.83 43.13
CA GLN D 60 7.18 -10.21 42.77
C GLN D 60 7.18 -9.93 41.27
N PHE D 61 6.39 -10.70 40.54
CA PHE D 61 6.23 -10.52 39.10
C PHE D 61 4.81 -10.05 38.81
N PRO D 62 4.54 -8.75 38.92
CA PRO D 62 3.16 -8.27 38.78
C PRO D 62 2.81 -7.82 37.36
N ILE D 63 1.62 -8.20 36.93
CA ILE D 63 1.04 -7.70 35.69
C ILE D 63 0.21 -6.46 36.04
N PRO D 64 0.56 -5.27 35.53
CA PRO D 64 -0.22 -4.06 35.87
C PRO D 64 -1.69 -4.17 35.49
N SER D 65 -1.97 -4.47 34.23
CA SER D 65 -3.35 -4.67 33.76
C SER D 65 -3.35 -5.87 32.82
N ILE D 66 -4.04 -6.94 33.21
CA ILE D 66 -3.88 -8.24 32.56
C ILE D 66 -4.78 -8.31 31.33
N THR D 67 -4.19 -8.76 30.22
CA THR D 67 -4.90 -9.08 29.00
C THR D 67 -4.46 -10.46 28.53
N TRP D 68 -4.98 -10.89 27.38
CA TRP D 68 -4.70 -12.24 26.89
C TRP D 68 -3.22 -12.45 26.60
N GLU D 69 -2.43 -11.39 26.42
CA GLU D 69 -1.01 -11.57 26.16
C GLU D 69 -0.29 -12.17 27.35
N HIS D 70 -0.88 -12.11 28.54
CA HIS D 70 -0.30 -12.72 29.74
C HIS D 70 -0.90 -14.08 30.06
N ALA D 71 -1.78 -14.59 29.20
CA ALA D 71 -2.53 -15.81 29.47
C ALA D 71 -1.70 -17.03 29.06
N GLY D 72 -1.48 -17.94 30.01
CA GLY D 72 -0.76 -19.15 29.71
C GLY D 72 -0.36 -19.88 30.97
N ARG D 73 0.67 -20.75 30.84
CA ARG D 73 1.17 -21.51 31.99
C ARG D 73 2.52 -20.94 32.41
N TYR D 74 2.63 -20.61 33.71
CA TYR D 74 3.87 -20.03 34.23
C TYR D 74 4.57 -20.93 35.26
N ARG D 75 5.87 -21.04 35.13
CA ARG D 75 6.68 -21.84 36.03
C ARG D 75 7.73 -20.95 36.69
N CYS D 76 8.20 -21.31 37.89
CA CYS D 76 9.19 -20.50 38.59
C CYS D 76 10.36 -21.36 39.04
N TYR D 77 11.52 -20.71 39.17
CA TYR D 77 12.70 -21.38 39.72
C TYR D 77 13.69 -20.29 40.15
N TYR D 78 14.82 -20.74 40.69
CA TYR D 78 15.86 -19.83 41.16
C TYR D 78 17.21 -20.56 41.16
N ARG D 85 20.81 -23.37 40.30
CA ARG D 85 19.58 -23.69 39.57
C ARG D 85 18.81 -24.78 40.31
N SER D 86 17.52 -24.54 40.50
CA SER D 86 16.63 -25.46 41.22
C SER D 86 15.55 -25.99 40.28
N GLU D 87 14.70 -26.85 40.81
CA GLU D 87 13.64 -27.46 40.02
C GLU D 87 12.49 -26.48 39.84
N SER D 88 11.99 -26.39 38.61
CA SER D 88 10.89 -25.48 38.32
C SER D 88 9.67 -25.85 39.17
N SER D 89 9.07 -24.85 39.80
CA SER D 89 7.94 -25.07 40.69
C SER D 89 6.77 -25.70 39.93
N ASP D 90 5.83 -26.24 40.69
CA ASP D 90 4.61 -26.76 40.10
C ASP D 90 3.95 -25.68 39.25
N PRO D 91 3.24 -26.05 38.18
CA PRO D 91 2.82 -25.05 37.19
C PRO D 91 1.78 -24.07 37.71
N LEU D 92 1.36 -23.16 36.83
CA LEU D 92 0.35 -22.17 37.18
C LEU D 92 -0.46 -21.87 35.93
N GLU D 93 -1.75 -22.25 35.94
CA GLU D 93 -2.65 -22.00 34.82
C GLU D 93 -3.29 -20.64 35.06
N LEU D 94 -2.75 -19.61 34.43
CA LEU D 94 -3.26 -18.25 34.59
C LEU D 94 -4.36 -18.01 33.56
N VAL D 95 -5.51 -17.52 34.03
CA VAL D 95 -6.69 -17.39 33.19
C VAL D 95 -7.12 -15.93 33.14
N VAL D 96 -7.57 -15.51 31.97
CA VAL D 96 -8.10 -14.15 31.75
C VAL D 96 -9.55 -14.29 31.37
N THR D 97 -10.43 -13.70 32.17
CA THR D 97 -11.87 -13.70 31.93
C THR D 97 -12.33 -12.31 31.52
N GLY D 98 -13.55 -12.24 31.00
CA GLY D 98 -14.13 -10.98 30.60
C GLY D 98 -13.81 -10.56 29.17
N ALA D 99 -13.33 -11.48 28.34
CA ALA D 99 -13.04 -11.13 26.94
C ALA D 99 -14.30 -11.17 26.09
N TYR D 100 -15.15 -12.18 26.28
CA TYR D 100 -16.36 -12.36 25.50
C TYR D 100 -17.58 -12.10 26.38
N ILE D 101 -18.73 -11.95 25.71
CA ILE D 101 -19.97 -11.64 26.39
C ILE D 101 -20.42 -12.81 27.25
N LYS D 102 -21.12 -12.51 28.36
CA LYS D 102 -21.46 -13.52 29.32
C LYS D 102 -22.58 -14.42 28.80
N PRO D 103 -22.56 -15.70 29.15
CA PRO D 103 -23.69 -16.58 28.80
C PRO D 103 -24.75 -16.63 29.89
N THR D 104 -25.84 -17.33 29.63
CA THR D 104 -26.89 -17.55 30.62
C THR D 104 -26.66 -18.90 31.28
N LEU D 105 -27.06 -18.99 32.55
CA LEU D 105 -26.97 -20.26 33.28
C LEU D 105 -28.34 -20.71 33.80
N VAL D 119 -30.30 -29.74 40.44
CA VAL D 119 -30.91 -29.75 39.13
C VAL D 119 -29.80 -29.88 38.08
N THR D 120 -30.19 -29.98 36.81
CA THR D 120 -29.25 -29.92 35.70
C THR D 120 -29.03 -28.47 35.30
N LEU D 121 -27.77 -28.02 35.32
CA LEU D 121 -27.44 -26.64 35.01
C LEU D 121 -27.17 -26.50 33.51
N GLN D 122 -27.88 -25.59 32.87
CA GLN D 122 -27.69 -25.27 31.46
C GLN D 122 -26.86 -24.00 31.34
N CYS D 123 -25.83 -24.05 30.50
CA CYS D 123 -24.96 -22.90 30.23
C CYS D 123 -24.99 -22.67 28.73
N ASP D 124 -25.95 -21.87 28.28
CA ASP D 124 -26.11 -21.54 26.87
C ASP D 124 -25.35 -20.25 26.56
N SER D 125 -24.67 -20.24 25.42
CA SER D 125 -23.89 -19.09 24.99
C SER D 125 -24.36 -18.62 23.61
N GLN D 126 -24.12 -17.35 23.35
CA GLN D 126 -24.48 -16.71 22.09
C GLN D 126 -23.37 -16.87 21.07
N VAL D 127 -22.13 -16.63 21.49
CA VAL D 127 -20.98 -16.82 20.63
C VAL D 127 -20.75 -18.32 20.43
N ALA D 128 -20.28 -18.68 19.24
CA ALA D 128 -20.05 -20.09 18.91
C ALA D 128 -18.75 -20.54 19.57
N PHE D 129 -18.88 -21.31 20.65
CA PHE D 129 -17.72 -21.77 21.40
C PHE D 129 -17.79 -23.28 21.62
N ASP D 130 -16.65 -23.93 21.47
CA ASP D 130 -16.49 -25.37 21.67
C ASP D 130 -15.81 -25.66 23.00
N GLY D 131 -16.23 -24.99 24.07
CA GLY D 131 -15.58 -25.16 25.35
C GLY D 131 -16.30 -24.40 26.46
N PHE D 132 -16.71 -25.13 27.50
CA PHE D 132 -17.50 -24.57 28.58
C PHE D 132 -16.91 -24.96 29.93
N ILE D 133 -17.07 -24.06 30.90
CA ILE D 133 -16.48 -24.21 32.23
C ILE D 133 -17.56 -23.94 33.26
N LEU D 134 -17.64 -24.78 34.29
CA LEU D 134 -18.56 -24.62 35.40
C LEU D 134 -17.74 -24.41 36.67
N CYS D 135 -18.00 -23.30 37.36
CA CYS D 135 -17.23 -22.93 38.54
C CYS D 135 -18.09 -23.00 39.79
N LYS D 136 -17.51 -23.53 40.86
CA LYS D 136 -18.20 -23.76 42.13
C LYS D 136 -17.75 -22.66 43.09
N GLU D 137 -18.60 -21.66 43.28
CA GLU D 137 -18.26 -20.51 44.11
C GLU D 137 -18.36 -20.85 45.59
N PRO D 143 -13.36 -19.86 41.45
CA PRO D 143 -12.70 -20.56 42.55
C PRO D 143 -12.30 -22.00 42.20
N GLN D 144 -13.24 -22.94 42.25
CA GLN D 144 -12.98 -24.35 42.00
C GLN D 144 -13.83 -24.77 40.79
N CYS D 145 -13.23 -24.72 39.61
CA CYS D 145 -13.95 -24.86 38.36
C CYS D 145 -13.81 -26.28 37.80
N LEU D 146 -14.57 -26.54 36.74
CA LEU D 146 -14.69 -27.88 36.18
C LEU D 146 -14.90 -27.77 34.67
N ASN D 147 -13.99 -28.37 33.92
CA ASN D 147 -14.04 -28.34 32.46
C ASN D 147 -15.19 -29.22 31.96
N SER D 148 -15.43 -29.14 30.65
CA SER D 148 -16.51 -29.89 30.01
C SER D 148 -16.44 -29.74 28.49
N GLN D 149 -17.58 -29.93 27.82
CA GLN D 149 -17.71 -29.75 26.37
C GLN D 149 -19.18 -29.75 26.02
N PRO D 150 -19.55 -29.34 24.80
CA PRO D 150 -20.98 -29.27 24.44
C PRO D 150 -21.51 -30.57 23.84
N HIS D 151 -22.72 -30.53 23.29
CA HIS D 151 -23.30 -31.69 22.63
C HIS D 151 -24.23 -31.24 21.50
N SER D 155 -22.80 -27.88 18.51
CA SER D 155 -23.51 -26.70 18.97
C SER D 155 -22.71 -25.99 20.07
N SER D 156 -23.42 -25.33 20.99
CA SER D 156 -22.76 -24.57 22.07
C SER D 156 -23.71 -24.54 23.27
N ARG D 157 -23.55 -25.52 24.15
CA ARG D 157 -24.35 -25.60 25.37
C ARG D 157 -23.65 -26.55 26.34
N ALA D 158 -24.09 -26.52 27.59
CA ALA D 158 -23.55 -27.40 28.62
C ALA D 158 -24.44 -28.63 28.78
N TYR D 173 -22.59 -20.77 41.75
CA TYR D 173 -22.25 -21.32 40.44
C TYR D 173 -22.34 -20.28 39.33
N ARG D 174 -21.29 -20.24 38.50
CA ARG D 174 -21.32 -19.50 37.25
C ARG D 174 -20.49 -20.28 36.23
N CYS D 175 -20.72 -19.99 34.96
CA CYS D 175 -20.07 -20.72 33.88
C CYS D 175 -19.40 -19.74 32.94
N TYR D 176 -18.31 -20.20 32.33
CA TYR D 176 -17.62 -19.47 31.28
C TYR D 176 -17.67 -20.30 30.00
N ALA D 177 -17.35 -19.64 28.89
CA ALA D 177 -17.19 -20.31 27.61
C ALA D 177 -15.91 -19.79 26.96
N TYR D 178 -15.34 -20.58 26.06
CA TYR D 178 -14.04 -20.23 25.50
C TYR D 178 -13.81 -21.04 24.23
N ASP D 179 -12.60 -20.93 23.69
CA ASP D 179 -12.21 -21.59 22.45
C ASP D 179 -11.09 -22.57 22.76
N SER D 180 -11.15 -23.76 22.14
CA SER D 180 -10.20 -24.82 22.46
C SER D 180 -8.75 -24.37 22.25
N ASN D 181 -8.51 -23.59 21.19
CA ASN D 181 -7.15 -23.18 20.85
C ASN D 181 -6.59 -22.11 21.77
N SER D 182 -7.43 -21.53 22.64
CA SER D 182 -7.01 -20.47 23.56
C SER D 182 -7.70 -20.71 24.89
N PRO D 183 -7.32 -21.78 25.60
CA PRO D 183 -8.06 -22.18 26.80
C PRO D 183 -7.88 -21.26 27.99
N TYR D 184 -7.13 -20.18 27.86
CA TYR D 184 -6.92 -19.25 28.96
C TYR D 184 -7.64 -17.92 28.78
N GLU D 185 -8.17 -17.64 27.59
CA GLU D 185 -9.10 -16.54 27.38
C GLU D 185 -10.52 -17.10 27.48
N TRP D 186 -11.19 -16.80 28.58
CA TRP D 186 -12.56 -17.22 28.79
C TRP D 186 -13.51 -16.03 28.65
N SER D 187 -14.79 -16.34 28.50
CA SER D 187 -15.82 -15.33 28.38
C SER D 187 -15.93 -14.53 29.67
N LEU D 188 -16.87 -13.58 29.66
CA LEU D 188 -17.35 -13.02 30.92
C LEU D 188 -18.06 -14.12 31.71
N PRO D 189 -18.06 -14.04 33.04
CA PRO D 189 -18.77 -15.05 33.83
C PRO D 189 -20.28 -14.93 33.66
N SER D 190 -20.95 -16.07 33.64
CA SER D 190 -22.40 -16.08 33.50
C SER D 190 -23.06 -15.43 34.70
N ASP D 191 -24.32 -15.08 34.53
CA ASP D 191 -25.15 -14.67 35.66
C ASP D 191 -25.08 -15.75 36.74
N LEU D 192 -25.01 -15.31 37.99
CA LEU D 192 -24.85 -16.23 39.11
C LEU D 192 -26.01 -17.22 39.22
N SER E 3 29.20 9.25 1.55
CA SER E 3 29.13 10.69 1.77
C SER E 3 27.69 11.17 1.95
N HIS E 4 27.38 11.68 3.13
CA HIS E 4 26.02 12.10 3.48
C HIS E 4 25.94 13.61 3.47
N SER E 5 24.71 14.10 3.30
CA SER E 5 24.45 15.53 3.25
C SER E 5 23.04 15.80 3.76
N MET E 6 22.82 17.05 4.17
CA MET E 6 21.53 17.54 4.64
C MET E 6 21.28 18.82 3.87
N ARG E 7 20.04 18.97 3.38
CA ARG E 7 19.68 20.13 2.60
C ARG E 7 18.34 20.72 3.03
N TYR E 8 18.21 22.03 2.86
CA TYR E 8 16.96 22.75 3.08
C TYR E 8 16.63 23.57 1.85
N PHE E 9 15.39 23.44 1.39
CA PHE E 9 14.88 24.13 0.22
C PHE E 9 13.65 24.93 0.61
N SER E 10 13.39 26.00 -0.16
CA SER E 10 12.21 26.81 0.05
C SER E 10 11.82 27.38 -1.31
N ALA E 11 10.54 27.67 -1.46
CA ALA E 11 9.99 28.24 -2.69
C ALA E 11 8.94 29.27 -2.34
N ALA E 12 9.12 30.51 -2.84
CA ALA E 12 8.18 31.59 -2.61
C ALA E 12 7.56 31.91 -3.96
N VAL E 13 6.26 31.64 -4.11
CA VAL E 13 5.55 31.84 -5.38
C VAL E 13 4.50 32.92 -5.22
N SER E 14 4.74 34.09 -5.81
CA SER E 14 3.77 35.17 -5.73
C SER E 14 2.52 34.75 -6.51
N ARG E 15 1.36 35.27 -6.11
CA ARG E 15 0.10 34.95 -6.79
C ARG E 15 -0.82 36.18 -6.75
N PRO E 16 -0.62 37.12 -7.68
CA PRO E 16 -1.47 38.32 -7.71
C PRO E 16 -2.95 37.96 -7.79
N GLY E 17 -3.76 38.70 -7.04
CA GLY E 17 -5.19 38.43 -7.01
C GLY E 17 -5.51 37.31 -6.05
N ARG E 18 -4.91 36.14 -6.30
CA ARG E 18 -5.10 34.97 -5.46
C ARG E 18 -4.78 35.24 -3.99
N GLY E 19 -3.98 36.28 -3.70
CA GLY E 19 -3.64 36.60 -2.31
C GLY E 19 -2.17 36.70 -1.96
N GLU E 20 -1.77 36.12 -0.84
CA GLU E 20 -0.38 36.21 -0.43
C GLU E 20 0.49 35.17 -1.12
N PRO E 21 1.78 35.44 -1.24
CA PRO E 21 2.69 34.47 -1.88
C PRO E 21 2.74 33.17 -1.11
N ARG E 22 2.78 32.06 -1.85
CA ARG E 22 2.90 30.76 -1.20
C ARG E 22 4.35 30.51 -0.83
N PHE E 23 4.56 29.91 0.33
CA PHE E 23 5.91 29.62 0.80
C PHE E 23 5.89 28.18 1.30
N ILE E 24 6.76 27.37 0.74
CA ILE E 24 6.91 25.97 1.13
C ILE E 24 8.37 25.74 1.40
N ALA E 25 8.65 24.86 2.35
CA ALA E 25 10.02 24.57 2.71
C ALA E 25 10.07 23.11 3.10
N MET E 26 11.26 22.52 2.99
CA MET E 26 11.42 21.12 3.34
C MET E 26 12.89 20.84 3.60
N GLY E 27 13.13 19.71 4.27
CA GLY E 27 14.47 19.30 4.57
C GLY E 27 14.68 17.88 4.08
N TYR E 28 15.92 17.60 3.69
CA TYR E 28 16.30 16.30 3.21
C TYR E 28 17.63 15.88 3.81
N VAL E 29 17.83 14.57 3.90
CA VAL E 29 19.10 13.99 4.30
C VAL E 29 19.37 13.05 3.13
N ASP E 30 20.39 13.37 2.34
CA ASP E 30 20.70 12.58 1.15
C ASP E 30 19.47 12.74 0.27
N ASP E 31 18.83 11.66 -0.16
CA ASP E 31 17.64 11.69 -1.01
C ASP E 31 16.36 11.44 -0.24
N THR E 32 16.38 11.54 1.10
CA THR E 32 15.22 11.27 1.91
C THR E 32 14.72 12.54 2.59
N GLN E 33 13.45 12.85 2.37
CA GLN E 33 12.81 14.02 2.98
C GLN E 33 12.41 13.66 4.41
N PHE E 34 12.69 14.56 5.35
CA PHE E 34 12.33 14.31 6.74
C PHE E 34 11.45 15.38 7.36
N VAL E 35 11.33 16.56 6.75
CA VAL E 35 10.50 17.61 7.32
C VAL E 35 9.91 18.43 6.19
N ARG E 36 8.67 18.93 6.38
CA ARG E 36 7.99 19.67 5.34
C ARG E 36 7.21 20.84 5.95
N PHE E 37 7.05 21.92 5.18
CA PHE E 37 6.30 23.09 5.59
C PHE E 37 5.58 23.69 4.38
N ASP E 38 4.33 24.10 4.58
CA ASP E 38 3.52 24.67 3.51
C ASP E 38 2.63 25.77 4.06
N SER E 39 2.83 27.01 3.60
CA SER E 39 2.03 28.14 4.08
C SER E 39 0.53 27.94 3.83
N ASP E 40 0.17 27.13 2.83
CA ASP E 40 -1.24 26.91 2.51
C ASP E 40 -1.94 26.03 3.53
N SER E 41 -1.21 25.11 4.16
CA SER E 41 -1.81 24.22 5.14
C SER E 41 -2.71 25.00 6.09
N ALA E 42 -3.76 24.34 6.58
CA ALA E 42 -4.67 24.99 7.52
C ALA E 42 -3.91 25.50 8.74
N SER E 43 -2.84 24.80 9.14
CA SER E 43 -2.01 25.20 10.26
C SER E 43 -0.57 25.17 9.75
N PRO E 44 -0.10 26.27 9.16
CA PRO E 44 1.27 26.31 8.67
C PRO E 44 2.27 26.04 9.78
N ARG E 45 2.98 24.92 9.69
CA ARG E 45 3.97 24.58 10.70
C ARG E 45 4.86 23.48 10.16
N MET E 46 6.09 23.45 10.65
CA MET E 46 7.03 22.43 10.23
C MET E 46 6.54 21.10 10.78
N GLU E 47 6.41 20.11 9.90
CA GLU E 47 5.92 18.81 10.33
C GLU E 47 6.77 17.65 9.82
N PRO E 48 6.87 16.59 10.63
CA PRO E 48 7.68 15.41 10.27
C PRO E 48 7.27 14.70 9.00
N ARG E 49 8.27 14.22 8.26
CA ARG E 49 8.12 13.48 7.03
C ARG E 49 8.97 12.21 7.02
N ALA E 50 9.76 11.96 8.08
CA ALA E 50 10.58 10.78 8.20
C ALA E 50 10.42 10.22 9.60
N PRO E 51 10.29 8.90 9.77
CA PRO E 51 10.11 8.33 11.12
C PRO E 51 11.16 8.73 12.16
N TRP E 52 12.43 8.84 11.77
CA TRP E 52 13.53 9.14 12.68
C TRP E 52 13.53 10.57 13.23
N VAL E 53 12.55 11.43 12.96
CA VAL E 53 12.61 12.78 13.52
C VAL E 53 11.31 13.12 14.23
N GLU E 54 10.31 12.26 14.10
CA GLU E 54 9.05 12.50 14.77
C GLU E 54 9.26 12.46 16.28
N GLN E 55 10.31 11.75 16.72
CA GLN E 55 10.62 11.59 18.13
C GLN E 55 11.13 12.89 18.76
N GLU E 56 11.69 13.81 17.97
CA GLU E 56 12.20 15.06 18.53
C GLU E 56 11.14 15.71 19.42
N GLY E 57 11.59 16.28 20.53
CA GLY E 57 10.68 16.90 21.49
C GLY E 57 9.87 18.04 20.92
N PRO E 58 8.89 18.52 21.70
CA PRO E 58 8.04 19.63 21.22
C PRO E 58 8.80 20.94 21.11
N GLU E 59 9.93 21.07 21.82
CA GLU E 59 10.73 22.28 21.72
C GLU E 59 11.37 22.38 20.34
N TYR E 60 11.78 21.23 19.79
CA TYR E 60 12.36 21.20 18.46
C TYR E 60 11.38 21.77 17.45
N TRP E 61 10.18 21.17 17.38
CA TRP E 61 9.15 21.61 16.45
C TRP E 61 8.74 23.05 16.74
N GLU E 62 8.79 23.43 17.99
CA GLU E 62 8.45 24.76 18.36
C GLU E 62 9.44 25.70 17.71
N GLU E 63 10.73 25.39 17.85
CA GLU E 63 11.76 26.28 17.32
C GLU E 63 11.83 26.19 15.80
N GLU E 64 11.79 24.98 15.26
CA GLU E 64 11.83 24.78 13.81
C GLU E 64 10.68 25.51 13.12
N THR E 65 9.48 25.42 13.69
CA THR E 65 8.31 26.07 13.10
C THR E 65 8.45 27.58 13.17
N ARG E 66 8.76 28.09 14.36
CA ARG E 66 8.89 29.53 14.54
C ARG E 66 9.91 30.13 13.56
N ASN E 67 11.04 29.46 13.37
CA ASN E 67 12.06 29.96 12.45
C ASN E 67 11.57 29.96 11.01
N THR E 68 10.94 28.87 10.58
CA THR E 68 10.46 28.76 9.20
C THR E 68 9.40 29.81 8.88
N LYS E 69 8.58 30.20 9.86
CA LYS E 69 7.59 31.24 9.61
C LYS E 69 8.29 32.55 9.31
N ALA E 70 9.42 32.80 9.99
CA ALA E 70 10.18 34.02 9.76
C ALA E 70 10.78 34.02 8.36
N HIS E 71 11.09 32.83 7.82
CA HIS E 71 11.61 32.74 6.46
C HIS E 71 10.56 33.15 5.45
N ALA E 72 9.32 32.68 5.62
CA ALA E 72 8.26 33.03 4.68
C ALA E 72 8.09 34.54 4.58
N GLN E 73 8.01 35.23 5.73
CA GLN E 73 7.84 36.68 5.70
C GLN E 73 9.02 37.35 5.01
N THR E 74 10.23 36.84 5.24
CA THR E 74 11.38 37.45 4.61
C THR E 74 11.32 37.24 3.10
N ASP E 75 11.10 36.01 2.64
CA ASP E 75 11.03 35.78 1.19
C ASP E 75 9.83 36.49 0.57
N ARG E 76 8.75 36.66 1.34
CA ARG E 76 7.61 37.38 0.80
C ARG E 76 8.01 38.82 0.58
N MET E 77 8.80 39.34 1.52
CA MET E 77 9.32 40.70 1.45
C MET E 77 10.34 40.81 0.32
N ASN E 78 11.14 39.75 0.13
CA ASN E 78 12.14 39.74 -0.93
C ASN E 78 11.45 39.79 -2.29
N LEU E 79 10.32 39.10 -2.43
CA LEU E 79 9.59 39.08 -3.68
C LEU E 79 9.25 40.49 -4.12
N GLN E 80 8.89 41.35 -3.16
CA GLN E 80 8.57 42.73 -3.52
C GLN E 80 9.86 43.53 -3.74
N THR E 81 10.91 43.22 -2.97
CA THR E 81 12.19 43.92 -3.17
C THR E 81 12.71 43.65 -4.58
N LEU E 82 12.69 42.38 -5.00
CA LEU E 82 13.17 42.03 -6.33
C LEU E 82 12.28 42.59 -7.43
N ARG E 83 10.97 42.69 -7.19
CA ARG E 83 10.09 43.27 -8.20
C ARG E 83 10.52 44.70 -8.50
N GLY E 84 11.03 45.39 -7.47
CA GLY E 84 11.51 46.75 -7.65
C GLY E 84 12.80 46.78 -8.45
N TYR E 85 13.74 45.90 -8.10
CA TYR E 85 15.01 45.85 -8.82
C TYR E 85 14.80 45.62 -10.31
N TYR E 86 13.92 44.68 -10.65
CA TYR E 86 13.64 44.32 -12.02
C TYR E 86 12.52 45.14 -12.66
N ASN E 87 12.00 46.15 -11.97
CA ASN E 87 10.92 47.00 -12.48
C ASN E 87 9.79 46.13 -13.02
N GLN E 88 9.23 45.31 -12.16
CA GLN E 88 8.18 44.41 -12.63
C GLN E 88 6.80 44.82 -12.15
N SER E 89 5.81 44.40 -12.94
CA SER E 89 4.40 44.60 -12.71
C SER E 89 4.00 44.06 -11.35
N GLU E 90 2.80 44.44 -10.91
CA GLU E 90 2.29 43.97 -9.64
C GLU E 90 1.27 42.87 -9.85
N ALA E 91 1.00 42.53 -11.12
CA ALA E 91 0.04 41.51 -11.48
C ALA E 91 0.70 40.22 -11.96
N SER E 92 2.03 40.21 -12.12
CA SER E 92 2.72 39.02 -12.58
C SER E 92 3.16 38.16 -11.41
N SER E 93 3.28 36.86 -11.66
CA SER E 93 3.69 35.90 -10.65
C SER E 93 5.20 35.69 -10.75
N HIS E 94 5.86 35.58 -9.60
CA HIS E 94 7.30 35.38 -9.59
C HIS E 94 7.64 34.31 -8.56
N THR E 95 8.75 33.60 -8.82
CA THR E 95 9.19 32.50 -7.97
C THR E 95 10.61 32.75 -7.46
N LEU E 96 10.78 32.72 -6.14
CA LEU E 96 12.09 32.90 -5.51
C LEU E 96 12.45 31.60 -4.80
N GLN E 97 13.43 30.86 -5.34
CA GLN E 97 13.84 29.59 -4.76
C GLN E 97 15.14 29.72 -3.97
N TRP E 98 15.20 29.01 -2.86
CA TRP E 98 16.36 29.02 -1.96
C TRP E 98 16.79 27.59 -1.68
N MET E 99 18.12 27.51 -1.63
CA MET E 99 18.73 26.25 -1.18
C MET E 99 19.91 26.41 -0.26
N ILE E 100 20.05 25.45 0.64
CA ILE E 100 21.17 25.41 1.58
C ILE E 100 21.48 23.97 1.96
N GLY E 101 22.75 23.69 2.26
CA GLY E 101 23.11 22.35 2.69
C GLY E 101 24.59 22.23 2.98
N CYS E 102 24.94 21.16 3.68
CA CYS E 102 26.30 20.84 4.04
C CYS E 102 26.55 19.39 3.62
N ASP E 103 27.75 19.12 3.13
CA ASP E 103 28.14 17.78 2.72
C ASP E 103 29.27 17.24 3.56
N LEU E 104 29.13 15.99 3.97
CA LEU E 104 30.14 15.30 4.76
C LEU E 104 30.89 14.34 3.85
N GLY E 105 32.14 14.08 4.19
CA GLY E 105 32.95 13.15 3.44
C GLY E 105 32.79 11.75 3.96
N SER E 106 33.48 10.82 3.30
CA SER E 106 33.54 9.47 3.84
C SER E 106 34.36 9.39 5.11
N ASP E 107 34.96 10.51 5.56
CA ASP E 107 35.75 10.55 6.78
C ASP E 107 34.97 11.05 7.99
N GLY E 108 34.01 11.95 7.79
CA GLY E 108 33.21 12.48 8.90
C GLY E 108 33.56 13.90 9.27
N ARG E 109 33.34 14.84 8.36
CA ARG E 109 33.52 16.27 8.55
C ARG E 109 33.08 17.00 7.30
N LEU E 110 32.76 18.28 7.49
CA LEU E 110 32.29 19.17 6.44
C LEU E 110 33.26 19.31 5.29
N LEU E 111 32.86 18.84 4.12
CA LEU E 111 33.68 18.95 2.91
C LEU E 111 33.35 20.24 2.19
N ARG E 112 32.07 20.59 2.14
CA ARG E 112 31.61 21.79 1.46
C ARG E 112 30.22 22.16 1.96
N GLY E 113 29.96 23.45 2.02
CA GLY E 113 28.65 23.94 2.42
C GLY E 113 28.18 24.75 1.23
N TYR E 114 26.89 25.06 1.15
CA TYR E 114 26.37 25.81 0.02
C TYR E 114 25.12 26.57 0.44
N GLU E 115 24.88 27.67 -0.29
CA GLU E 115 23.68 28.47 -0.12
C GLU E 115 23.50 29.25 -1.41
N GLN E 116 22.36 29.06 -2.07
CA GLN E 116 22.11 29.69 -3.35
C GLN E 116 20.66 30.14 -3.44
N TYR E 117 20.44 31.15 -4.27
CA TYR E 117 19.12 31.72 -4.48
C TYR E 117 18.85 31.77 -5.98
N ALA E 118 17.59 31.58 -6.36
CA ALA E 118 17.25 31.65 -7.77
C ALA E 118 15.94 32.42 -7.91
N TYR E 119 15.91 33.28 -8.92
CA TYR E 119 14.75 34.12 -9.19
C TYR E 119 14.21 33.82 -10.59
N ASP E 120 12.93 33.49 -10.65
CA ASP E 120 12.24 33.17 -11.90
C ASP E 120 13.03 32.17 -12.76
N GLY E 121 13.58 31.14 -12.13
CA GLY E 121 14.29 30.12 -12.86
C GLY E 121 15.79 30.34 -13.03
N LYS E 122 16.27 31.56 -12.81
CA LYS E 122 17.68 31.86 -12.98
C LYS E 122 18.37 32.03 -11.64
N ASP E 123 19.67 31.72 -11.64
CA ASP E 123 20.51 31.90 -10.47
C ASP E 123 20.51 33.38 -10.10
N TYR E 124 20.45 33.68 -8.80
CA TYR E 124 20.45 35.06 -8.34
C TYR E 124 21.67 35.37 -7.49
N LEU E 125 21.74 34.87 -6.26
CA LEU E 125 22.87 35.11 -5.38
C LEU E 125 23.38 33.77 -4.87
N ALA E 126 24.69 33.59 -4.89
CA ALA E 126 25.28 32.34 -4.41
C ALA E 126 26.49 32.58 -3.53
N LEU E 127 26.61 31.77 -2.49
CA LEU E 127 27.76 31.81 -1.59
C LEU E 127 28.86 30.99 -2.25
N ASN E 128 30.08 31.54 -2.28
CA ASN E 128 31.16 30.81 -2.94
C ASN E 128 31.64 29.63 -2.10
N GLU E 129 32.48 28.80 -2.72
CA GLU E 129 32.93 27.59 -2.06
C GLU E 129 33.62 27.93 -0.76
N ASP E 130 34.35 29.04 -0.77
CA ASP E 130 35.06 29.44 0.43
C ASP E 130 34.13 29.80 1.58
N LEU E 131 32.83 29.96 1.31
CA LEU E 131 31.85 30.32 2.34
C LEU E 131 32.24 31.64 3.03
N ARG E 132 33.01 32.46 2.33
CA ARG E 132 33.49 33.74 2.81
C ARG E 132 33.24 34.85 1.80
N SER E 133 32.61 34.53 0.66
CA SER E 133 32.32 35.49 -0.39
C SER E 133 31.08 35.04 -1.15
N TRP E 134 30.54 35.97 -1.94
CA TRP E 134 29.35 35.75 -2.74
C TRP E 134 29.61 35.94 -4.22
N THR E 135 28.67 35.43 -5.02
CA THR E 135 28.71 35.55 -6.47
C THR E 135 27.34 36.02 -6.95
N ALA E 136 27.31 37.17 -7.63
CA ALA E 136 26.06 37.71 -8.16
C ALA E 136 25.93 37.30 -9.63
N ALA E 137 24.72 36.94 -10.02
CA ALA E 137 24.45 36.53 -11.39
C ALA E 137 24.16 37.69 -12.34
N ASP E 138 23.69 38.82 -11.83
CA ASP E 138 23.38 39.97 -12.68
C ASP E 138 23.46 41.25 -11.84
N THR E 139 23.09 42.36 -12.46
CA THR E 139 23.17 43.65 -11.78
C THR E 139 22.27 43.69 -10.55
N ALA E 140 21.09 43.09 -10.63
CA ALA E 140 20.20 43.08 -9.47
C ALA E 140 20.84 42.32 -8.31
N ALA E 141 21.44 41.17 -8.61
CA ALA E 141 22.08 40.35 -7.58
C ALA E 141 23.25 41.08 -6.95
N GLN E 142 23.88 42.00 -7.68
CA GLN E 142 25.00 42.74 -7.10
C GLN E 142 24.54 43.60 -5.93
N ILE E 143 23.30 44.06 -5.95
CA ILE E 143 22.79 44.85 -4.83
C ILE E 143 22.65 43.95 -3.61
N SER E 144 22.01 42.78 -3.78
CA SER E 144 21.86 41.87 -2.67
C SER E 144 23.21 41.41 -2.16
N LYS E 145 24.18 41.26 -3.07
CA LYS E 145 25.51 40.83 -2.69
C LYS E 145 26.19 41.89 -1.82
N ARG E 146 26.18 43.14 -2.29
CA ARG E 146 26.78 44.24 -1.54
C ARG E 146 26.11 44.38 -0.18
N LYS E 147 24.78 44.22 -0.12
CA LYS E 147 24.10 44.32 1.17
C LYS E 147 24.60 43.21 2.09
N CYS E 148 24.88 42.03 1.53
CA CYS E 148 25.37 40.91 2.31
C CYS E 148 26.81 41.15 2.73
N GLU E 149 27.62 41.77 1.85
CA GLU E 149 29.00 42.03 2.20
C GLU E 149 29.07 43.09 3.30
N ALA E 150 28.36 44.19 3.12
CA ALA E 150 28.35 45.25 4.12
C ALA E 150 27.83 44.76 5.46
N ALA E 151 27.03 43.70 5.47
CA ALA E 151 26.45 43.16 6.68
C ALA E 151 27.24 41.98 7.25
N ASN E 152 28.31 41.55 6.56
CA ASN E 152 29.13 40.45 7.04
C ASN E 152 28.30 39.24 7.42
N VAL E 153 27.21 39.00 6.67
CA VAL E 153 26.34 37.89 6.99
C VAL E 153 26.99 36.56 6.64
N ALA E 154 27.98 36.56 5.74
CA ALA E 154 28.66 35.32 5.36
C ALA E 154 29.10 34.55 6.59
N GLU E 155 29.69 35.25 7.57
CA GLU E 155 30.15 34.59 8.79
C GLU E 155 29.02 33.82 9.46
N GLN E 156 27.84 34.44 9.57
CA GLN E 156 26.70 33.77 10.18
C GLN E 156 26.30 32.51 9.42
N ARG E 157 26.40 32.56 8.08
CA ARG E 157 26.00 31.41 7.28
C ARG E 157 27.02 30.28 7.36
N ARG E 158 28.31 30.62 7.31
CA ARG E 158 29.31 29.56 7.39
C ARG E 158 29.32 28.94 8.78
N ALA E 159 29.00 29.72 9.81
CA ALA E 159 28.94 29.17 11.16
C ALA E 159 27.93 28.02 11.21
N TYR E 160 26.76 28.22 10.60
CA TYR E 160 25.74 27.18 10.58
C TYR E 160 26.22 25.99 9.76
N LEU E 161 26.74 26.25 8.56
CA LEU E 161 27.20 25.18 7.70
C LEU E 161 28.32 24.38 8.35
N GLU E 162 29.18 25.02 9.12
CA GLU E 162 30.28 24.30 9.75
C GLU E 162 29.89 23.67 11.07
N GLY E 163 28.91 24.26 11.76
CA GLY E 163 28.49 23.72 13.05
C GLY E 163 27.16 22.98 13.04
N THR E 164 26.09 23.70 13.36
CA THR E 164 24.75 23.15 13.43
C THR E 164 24.43 22.16 12.31
N CYS E 165 24.66 22.57 11.06
CA CYS E 165 24.37 21.69 9.93
C CYS E 165 25.04 20.33 10.09
N VAL E 166 26.36 20.32 10.29
CA VAL E 166 27.08 19.07 10.47
C VAL E 166 26.65 18.39 11.77
N GLU E 167 26.57 19.17 12.85
CA GLU E 167 26.19 18.63 14.16
C GLU E 167 24.88 17.85 14.08
N TRP E 168 23.81 18.51 13.65
CA TRP E 168 22.52 17.84 13.58
C TRP E 168 22.49 16.76 12.50
N LEU E 169 23.31 16.88 11.45
CA LEU E 169 23.35 15.84 10.45
C LEU E 169 23.76 14.52 11.07
N HIS E 170 24.81 14.54 11.92
CA HIS E 170 25.23 13.32 12.60
C HIS E 170 24.10 12.78 13.45
N ARG E 171 23.42 13.67 14.18
CA ARG E 171 22.30 13.27 15.02
C ARG E 171 21.25 12.52 14.21
N TYR E 172 20.82 13.11 13.08
CA TYR E 172 19.84 12.45 12.24
C TYR E 172 20.40 11.15 11.65
N LEU E 173 21.67 11.16 11.24
CA LEU E 173 22.24 9.97 10.64
C LEU E 173 22.30 8.80 11.61
N GLU E 174 22.29 9.07 12.92
CA GLU E 174 22.33 7.97 13.87
C GLU E 174 20.93 7.52 14.26
N ASN E 175 20.04 8.46 14.57
CA ASN E 175 18.67 8.10 14.92
C ASN E 175 18.03 7.25 13.84
N GLY E 176 18.27 7.58 12.57
CA GLY E 176 17.69 6.86 11.45
C GLY E 176 18.71 6.02 10.69
N LYS E 177 19.71 5.51 11.41
CA LYS E 177 20.77 4.70 10.81
C LYS E 177 20.32 3.62 9.83
N GLU E 178 19.22 2.95 10.15
CA GLU E 178 18.72 1.89 9.27
C GLU E 178 18.25 2.43 7.92
N MET E 179 17.60 3.59 7.90
CA MET E 179 17.10 4.13 6.65
C MET E 179 18.11 4.98 5.88
N LEU E 180 18.91 5.80 6.58
CA LEU E 180 19.83 6.72 5.94
C LEU E 180 21.23 6.18 5.64
N GLN E 181 21.71 5.20 6.39
CA GLN E 181 23.06 4.67 6.18
C GLN E 181 23.01 3.28 5.57
N ARG E 182 21.92 3.00 4.87
CA ARG E 182 21.72 1.74 4.18
C ARG E 182 21.53 2.00 2.70
N ALA E 183 22.30 1.32 1.87
CA ALA E 183 22.23 1.47 0.44
C ALA E 183 21.61 0.21 -0.13
N ASP E 184 20.55 0.35 -0.91
CA ASP E 184 19.94 -0.81 -1.53
C ASP E 184 20.55 -0.93 -2.91
N PRO E 185 21.19 -2.05 -3.25
CA PRO E 185 21.79 -2.16 -4.57
C PRO E 185 20.72 -2.19 -5.64
N PRO E 186 21.06 -1.83 -6.87
CA PRO E 186 20.07 -1.85 -7.94
C PRO E 186 19.87 -3.25 -8.51
N LYS E 187 18.61 -3.60 -8.75
CA LYS E 187 18.31 -4.87 -9.38
C LYS E 187 18.43 -4.56 -10.86
N THR E 188 19.26 -5.31 -11.57
CA THR E 188 19.51 -5.00 -12.95
C THR E 188 19.32 -6.18 -13.88
N HIS E 189 19.01 -5.85 -15.13
CA HIS E 189 18.84 -6.80 -16.22
C HIS E 189 18.81 -6.00 -17.51
N VAL E 190 18.91 -6.72 -18.62
CA VAL E 190 18.88 -6.13 -19.94
C VAL E 190 17.66 -6.67 -20.67
N THR E 191 17.06 -5.84 -21.51
CA THR E 191 15.90 -6.23 -22.30
C THR E 191 16.22 -6.03 -23.78
N HIS E 192 15.52 -6.79 -24.62
CA HIS E 192 15.73 -6.76 -26.06
C HIS E 192 14.49 -6.17 -26.71
N HIS E 193 14.71 -5.21 -27.59
CA HIS E 193 13.64 -4.49 -28.30
C HIS E 193 13.95 -4.40 -29.79
N PRO E 194 13.40 -5.30 -30.60
CA PRO E 194 13.66 -5.27 -32.05
C PRO E 194 13.03 -4.04 -32.68
N VAL E 195 13.81 -3.33 -33.48
CA VAL E 195 13.34 -2.16 -34.20
C VAL E 195 13.22 -2.43 -35.71
N PHE E 196 14.10 -3.25 -36.28
CA PHE E 196 13.81 -3.99 -37.49
C PHE E 196 14.79 -5.17 -37.55
N ASP E 197 14.70 -5.95 -38.63
CA ASP E 197 15.51 -7.16 -38.73
C ASP E 197 17.00 -6.85 -38.74
N TYR E 198 17.39 -5.62 -39.08
CA TYR E 198 18.79 -5.23 -39.22
C TYR E 198 19.40 -4.66 -37.93
N GLU E 199 18.62 -4.40 -36.89
CA GLU E 199 19.18 -3.88 -35.64
C GLU E 199 18.12 -3.97 -34.56
N ALA E 200 18.51 -3.60 -33.34
CA ALA E 200 17.62 -3.66 -32.18
C ALA E 200 18.21 -2.84 -31.04
N THR E 201 17.33 -2.44 -30.13
CA THR E 201 17.73 -1.62 -28.98
C THR E 201 17.86 -2.46 -27.72
N LEU E 202 18.96 -2.24 -27.00
CA LEU E 202 19.27 -2.91 -25.74
C LEU E 202 19.01 -1.89 -24.63
N ARG E 203 18.12 -2.21 -23.70
CA ARG E 203 17.80 -1.31 -22.61
C ARG E 203 18.30 -1.95 -21.32
N CYS E 204 19.07 -1.19 -20.56
CA CYS E 204 19.65 -1.64 -19.30
C CYS E 204 18.87 -1.02 -18.16
N TRP E 205 18.32 -1.85 -17.28
CA TRP E 205 17.52 -1.37 -16.17
C TRP E 205 18.21 -1.48 -14.82
N ALA E 206 17.92 -0.49 -13.98
CA ALA E 206 18.39 -0.41 -12.59
C ALA E 206 17.14 -0.08 -11.80
N LEU E 207 16.65 -1.03 -10.99
CA LEU E 207 15.43 -0.81 -10.25
C LEU E 207 15.64 -0.92 -8.74
N GLY E 208 14.69 -0.36 -8.01
CA GLY E 208 14.71 -0.42 -6.55
C GLY E 208 16.01 -0.06 -5.87
N PHE E 209 16.69 0.99 -6.31
CA PHE E 209 17.96 1.35 -5.67
C PHE E 209 17.81 2.64 -4.86
N TYR E 210 18.82 2.84 -4.00
CA TYR E 210 18.94 3.99 -3.11
C TYR E 210 20.37 4.07 -2.62
N PRO E 211 20.99 5.26 -2.58
CA PRO E 211 20.40 6.55 -3.00
C PRO E 211 20.18 6.67 -4.49
N ALA E 212 19.72 7.84 -4.92
CA ALA E 212 19.41 8.09 -6.33
C ALA E 212 20.66 8.13 -7.19
N GLU E 213 21.79 8.58 -6.64
CA GLU E 213 23.02 8.66 -7.42
C GLU E 213 23.37 7.29 -8.00
N ILE E 214 23.64 7.26 -9.30
CA ILE E 214 23.99 6.01 -9.98
C ILE E 214 24.64 6.37 -11.30
N ILE E 215 25.49 5.46 -11.80
CA ILE E 215 26.19 5.64 -13.06
C ILE E 215 25.85 4.46 -13.96
N LEU E 216 25.16 4.74 -15.07
CA LEU E 216 24.79 3.72 -16.04
C LEU E 216 25.43 4.08 -17.38
N THR E 217 26.20 3.15 -17.95
CA THR E 217 26.82 3.44 -19.24
C THR E 217 26.92 2.16 -20.07
N TRP E 218 26.89 2.35 -21.38
CA TRP E 218 26.99 1.28 -22.36
C TRP E 218 28.37 1.30 -23.03
N GLN E 219 28.97 0.13 -23.23
CA GLN E 219 30.26 0.05 -23.89
C GLN E 219 30.16 -0.89 -25.09
N ARG E 220 30.77 -0.48 -26.19
CA ARG E 220 30.88 -1.32 -27.36
C ARG E 220 32.35 -1.67 -27.40
N ASP E 221 32.66 -2.95 -27.18
CA ASP E 221 34.03 -3.44 -27.19
C ASP E 221 34.88 -2.72 -26.14
N GLY E 222 34.43 -2.81 -24.89
CA GLY E 222 35.13 -2.21 -23.78
C GLY E 222 35.41 -0.73 -23.97
N GLU E 223 34.60 -0.08 -24.80
CA GLU E 223 34.76 1.33 -25.13
C GLU E 223 33.48 2.06 -24.78
N ASP E 224 33.55 2.98 -23.81
CA ASP E 224 32.39 3.74 -23.40
C ASP E 224 31.68 4.35 -24.60
N GLN E 225 30.35 4.29 -24.61
CA GLN E 225 29.59 4.90 -25.71
C GLN E 225 28.56 5.91 -25.20
N THR E 226 28.71 7.17 -25.61
CA THR E 226 27.78 8.24 -25.22
C THR E 226 27.16 8.94 -26.42
N GLN E 227 27.47 8.44 -27.61
CA GLN E 227 27.00 9.01 -28.88
C GLN E 227 25.59 8.60 -29.24
N ASP E 228 25.24 7.34 -29.03
CA ASP E 228 23.88 6.93 -29.36
C ASP E 228 23.14 6.30 -28.21
N VAL E 229 23.51 6.63 -26.99
CA VAL E 229 22.88 6.03 -25.82
C VAL E 229 21.79 6.97 -25.30
N GLU E 230 20.60 6.39 -25.10
CA GLU E 230 19.44 7.08 -24.55
C GLU E 230 19.50 7.02 -23.04
N LEU E 231 19.29 8.14 -22.37
CA LEU E 231 19.37 8.13 -20.91
C LEU E 231 18.21 8.94 -20.38
N VAL E 232 17.31 8.28 -19.67
CA VAL E 232 16.15 8.93 -19.08
C VAL E 232 16.53 9.44 -17.71
N GLU E 233 15.93 10.57 -17.33
CA GLU E 233 16.16 11.14 -16.02
C GLU E 233 15.86 10.08 -14.97
N THR E 234 16.62 10.06 -13.89
CA THR E 234 16.35 9.07 -12.85
C THR E 234 14.98 9.36 -12.25
N ARG E 235 14.17 8.31 -12.10
CA ARG E 235 12.82 8.56 -11.62
C ARG E 235 12.52 7.84 -10.32
N PRO E 236 11.63 8.39 -9.50
CA PRO E 236 11.26 7.75 -8.23
C PRO E 236 10.27 6.62 -8.44
N ALA E 237 10.53 5.48 -7.77
CA ALA E 237 9.63 4.35 -7.91
C ALA E 237 8.33 4.54 -7.12
N GLY E 238 8.37 5.35 -6.07
CA GLY E 238 7.22 5.63 -5.23
C GLY E 238 7.24 4.99 -3.87
N ASP E 239 8.17 4.05 -3.63
CA ASP E 239 8.29 3.37 -2.36
C ASP E 239 9.49 3.83 -1.55
N GLY E 240 10.26 4.76 -2.10
CA GLY E 240 11.46 5.26 -1.45
C GLY E 240 12.70 4.93 -2.24
N THR E 241 12.59 4.03 -3.21
CA THR E 241 13.68 3.62 -4.07
C THR E 241 13.56 4.35 -5.40
N PHE E 242 14.57 4.18 -6.25
CA PHE E 242 14.58 4.86 -7.53
C PHE E 242 14.75 3.88 -8.67
N GLN E 243 14.56 4.37 -9.89
CA GLN E 243 14.71 3.57 -11.09
C GLN E 243 15.46 4.39 -12.12
N LYS E 244 16.02 3.70 -13.10
CA LYS E 244 16.72 4.35 -14.20
C LYS E 244 17.08 3.31 -15.22
N TRP E 245 16.99 3.66 -16.51
CA TRP E 245 17.41 2.75 -17.54
C TRP E 245 18.20 3.52 -18.58
N ALA E 246 19.00 2.79 -19.36
CA ALA E 246 19.82 3.35 -20.41
C ALA E 246 19.68 2.43 -21.61
N ALA E 247 19.50 3.02 -22.78
CA ALA E 247 19.31 2.25 -23.99
C ALA E 247 20.36 2.62 -25.02
N VAL E 248 20.49 1.76 -26.02
CA VAL E 248 21.46 1.93 -27.08
C VAL E 248 21.02 1.11 -28.28
N VAL E 249 20.96 1.73 -29.45
CA VAL E 249 20.55 1.01 -30.65
C VAL E 249 21.77 0.26 -31.17
N VAL E 250 21.60 -1.04 -31.42
CA VAL E 250 22.72 -1.85 -31.88
C VAL E 250 22.32 -2.75 -33.05
N PRO E 251 23.25 -3.14 -33.91
CA PRO E 251 22.91 -4.02 -35.04
C PRO E 251 22.58 -5.43 -34.58
N SER E 252 21.64 -6.06 -35.28
CA SER E 252 21.25 -7.44 -34.98
C SER E 252 22.48 -8.34 -34.92
N GLY E 253 22.41 -9.35 -34.05
CA GLY E 253 23.50 -10.29 -33.88
C GLY E 253 24.73 -9.73 -33.20
N GLU E 254 24.82 -8.41 -33.05
CA GLU E 254 25.93 -7.76 -32.37
C GLU E 254 25.59 -7.45 -30.92
N GLU E 255 24.48 -8.01 -30.41
CA GLU E 255 24.06 -7.76 -29.04
C GLU E 255 25.16 -8.09 -28.05
N GLN E 256 25.71 -9.32 -28.14
CA GLN E 256 26.75 -9.77 -27.23
C GLN E 256 27.94 -8.80 -27.15
N ARG E 257 28.19 -8.00 -28.20
CA ARG E 257 29.29 -7.04 -28.19
C ARG E 257 29.05 -5.84 -27.27
N TYR E 258 27.86 -5.72 -26.68
CA TYR E 258 27.52 -4.61 -25.82
C TYR E 258 27.34 -5.08 -24.38
N THR E 259 27.84 -4.28 -23.44
CA THR E 259 27.73 -4.59 -22.03
C THR E 259 27.36 -3.33 -21.25
N CYS E 260 26.53 -3.50 -20.23
CA CYS E 260 26.07 -2.40 -19.40
C CYS E 260 26.89 -2.35 -18.11
N HIS E 261 27.37 -1.16 -17.76
CA HIS E 261 28.14 -0.92 -16.55
C HIS E 261 27.28 -0.15 -15.56
N VAL E 262 27.09 -0.72 -14.36
CA VAL E 262 26.28 -0.10 -13.33
C VAL E 262 27.14 0.16 -12.10
N GLN E 263 27.21 1.43 -11.69
CA GLN E 263 27.97 1.87 -10.53
C GLN E 263 27.00 2.49 -9.52
N HIS E 264 26.88 1.88 -8.34
CA HIS E 264 25.99 2.41 -7.33
C HIS E 264 26.63 2.24 -5.96
N GLU E 265 26.33 3.17 -5.05
CA GLU E 265 26.89 3.11 -3.69
C GLU E 265 26.63 1.77 -3.01
N GLY E 266 25.57 1.09 -3.38
CA GLY E 266 25.22 -0.18 -2.76
C GLY E 266 25.77 -1.38 -3.47
N LEU E 267 26.69 -1.18 -4.42
CA LEU E 267 27.33 -2.29 -5.11
C LEU E 267 28.70 -2.54 -4.48
N PRO E 268 28.98 -3.73 -3.95
CA PRO E 268 30.36 -4.02 -3.53
C PRO E 268 31.36 -3.72 -4.63
N GLU E 269 31.05 -4.08 -5.86
CA GLU E 269 31.91 -3.82 -7.00
C GLU E 269 31.00 -3.60 -8.20
N PRO E 270 31.33 -2.66 -9.10
CA PRO E 270 30.47 -2.43 -10.27
C PRO E 270 30.15 -3.66 -11.09
N LEU E 271 28.89 -4.07 -11.16
CA LEU E 271 28.56 -5.24 -11.95
C LEU E 271 28.54 -4.88 -13.43
N MET E 272 28.66 -5.91 -14.26
CA MET E 272 28.67 -5.78 -15.70
C MET E 272 27.58 -6.69 -16.25
N LEU E 273 26.73 -6.15 -17.12
CA LEU E 273 25.66 -6.95 -17.68
C LEU E 273 25.84 -7.05 -19.18
N ARG E 274 25.30 -8.13 -19.73
CA ARG E 274 25.30 -8.40 -21.15
C ARG E 274 23.98 -9.10 -21.47
N TRP E 275 23.38 -8.82 -22.62
CA TRP E 275 22.14 -9.50 -22.96
C TRP E 275 22.36 -11.01 -23.05
N LYS E 276 21.72 -11.76 -22.15
CA LYS E 276 21.82 -13.21 -22.14
C LYS E 276 20.97 -13.82 -23.24
N MET F 1 11.61 36.08 -18.55
CA MET F 1 12.16 35.17 -17.51
C MET F 1 12.48 33.79 -18.10
N ILE F 2 12.73 32.83 -17.21
CA ILE F 2 13.05 31.46 -17.59
C ILE F 2 11.90 30.52 -17.27
N GLN F 3 11.45 29.78 -18.27
CA GLN F 3 10.40 28.80 -18.10
C GLN F 3 10.92 27.55 -18.79
N ARG F 4 10.42 26.41 -18.34
CA ARG F 4 10.83 25.14 -18.91
C ARG F 4 9.65 24.23 -19.17
N THR F 5 9.73 23.50 -20.25
CA THR F 5 8.61 22.63 -20.52
C THR F 5 8.74 21.41 -19.63
N PRO F 6 7.63 20.82 -19.24
CA PRO F 6 7.66 19.65 -18.38
C PRO F 6 8.02 18.40 -19.17
N LYS F 7 8.80 17.55 -18.50
CA LYS F 7 9.28 16.26 -19.00
C LYS F 7 8.37 15.21 -18.36
N ILE F 8 8.04 14.16 -19.11
CA ILE F 8 7.08 13.21 -18.55
C ILE F 8 7.58 11.81 -18.72
N GLN F 9 7.29 10.99 -17.71
CA GLN F 9 7.61 9.57 -17.72
C GLN F 9 6.43 8.83 -17.10
N VAL F 10 5.96 7.80 -17.80
CA VAL F 10 4.86 6.96 -17.34
C VAL F 10 5.44 5.59 -17.14
N TYR F 11 5.24 5.01 -15.96
CA TYR F 11 5.82 3.71 -15.66
C TYR F 11 5.13 3.11 -14.44
N SER F 12 5.39 1.84 -14.22
CA SER F 12 4.85 1.07 -13.10
C SER F 12 5.85 1.02 -11.95
N ARG F 13 5.39 0.87 -10.74
CA ARG F 13 6.32 0.78 -9.65
C ARG F 13 7.14 -0.45 -9.76
N HIS F 14 6.47 -1.54 -10.12
CA HIS F 14 7.06 -2.86 -10.30
C HIS F 14 6.90 -3.29 -11.75
N PRO F 15 7.67 -4.28 -12.19
CA PRO F 15 7.54 -4.71 -13.59
C PRO F 15 6.11 -5.12 -13.93
N ALA F 16 5.62 -4.59 -15.03
CA ALA F 16 4.24 -4.83 -15.45
C ALA F 16 4.02 -6.28 -15.87
N GLU F 17 3.00 -6.91 -15.32
CA GLU F 17 2.61 -8.26 -15.69
C GLU F 17 1.08 -8.29 -15.61
N ASN F 18 0.45 -8.43 -16.78
CA ASN F 18 -1.01 -8.45 -16.91
C ASN F 18 -1.68 -9.29 -15.82
N GLY F 19 -2.78 -8.78 -15.29
CA GLY F 19 -3.53 -9.47 -14.27
C GLY F 19 -3.01 -9.31 -12.86
N LYS F 20 -1.80 -8.79 -12.68
CA LYS F 20 -1.21 -8.61 -11.35
C LYS F 20 -1.29 -7.15 -10.92
N SER F 21 -1.82 -6.92 -9.73
CA SER F 21 -1.98 -5.57 -9.18
C SER F 21 -0.66 -4.80 -9.21
N ASN F 22 -0.74 -3.49 -9.43
CA ASN F 22 0.46 -2.66 -9.49
C ASN F 22 0.10 -1.19 -9.22
N PHE F 23 1.06 -0.30 -9.47
CA PHE F 23 0.95 1.14 -9.30
C PHE F 23 1.42 1.85 -10.55
N LEU F 24 0.60 2.74 -11.08
CA LEU F 24 0.95 3.52 -12.27
C LEU F 24 1.51 4.86 -11.81
N ASN F 25 2.70 5.21 -12.31
CA ASN F 25 3.37 6.44 -11.93
C ASN F 25 3.49 7.38 -13.12
N CYS F 26 3.38 8.68 -12.84
CA CYS F 26 3.59 9.72 -13.86
C CYS F 26 4.58 10.69 -13.20
N TYR F 27 5.83 10.62 -13.62
CA TYR F 27 6.87 11.47 -13.08
C TYR F 27 7.02 12.68 -13.99
N VAL F 28 6.75 13.86 -13.44
CA VAL F 28 6.81 15.11 -14.20
C VAL F 28 7.90 15.95 -13.55
N SER F 29 8.89 16.34 -14.35
CA SER F 29 10.04 17.06 -13.83
C SER F 29 10.52 18.09 -14.86
N GLY F 30 11.53 18.85 -14.44
CA GLY F 30 12.18 19.86 -15.25
C GLY F 30 11.35 21.07 -15.66
N PHE F 31 10.17 21.27 -15.09
CA PHE F 31 9.32 22.38 -15.47
C PHE F 31 9.51 23.58 -14.54
N HIS F 32 9.16 24.76 -15.06
CA HIS F 32 9.21 26.03 -14.36
C HIS F 32 8.32 27.02 -15.08
N PRO F 33 7.42 27.74 -14.39
CA PRO F 33 7.14 27.75 -12.95
C PRO F 33 6.45 26.49 -12.45
N SER F 34 6.07 26.47 -11.16
CA SER F 34 5.46 25.30 -10.53
C SER F 34 4.01 25.04 -10.90
N ASP F 35 3.27 26.04 -11.34
CA ASP F 35 1.88 25.81 -11.72
C ASP F 35 1.78 24.74 -12.79
N ILE F 36 1.01 23.68 -12.52
CA ILE F 36 0.87 22.57 -13.45
C ILE F 36 -0.39 21.79 -13.11
N GLU F 37 -0.93 21.09 -14.10
CA GLU F 37 -2.11 20.25 -13.96
C GLU F 37 -1.76 18.86 -14.50
N VAL F 38 -2.11 17.81 -13.75
CA VAL F 38 -1.80 16.45 -14.16
C VAL F 38 -2.97 15.50 -13.88
N ASP F 39 -3.42 14.80 -14.92
CA ASP F 39 -4.51 13.84 -14.83
C ASP F 39 -4.03 12.50 -15.36
N LEU F 40 -4.50 11.41 -14.75
CA LEU F 40 -4.18 10.07 -15.21
C LEU F 40 -5.40 9.57 -15.96
N LEU F 41 -5.19 9.00 -17.14
CA LEU F 41 -6.28 8.56 -17.98
C LEU F 41 -6.21 7.08 -18.30
N LYS F 42 -7.38 6.45 -18.35
CA LYS F 42 -7.52 5.05 -18.74
C LYS F 42 -8.42 5.02 -19.97
N ASN F 43 -7.87 4.75 -21.12
CA ASN F 43 -8.70 4.67 -22.29
C ASN F 43 -9.37 5.99 -22.60
N GLY F 44 -8.77 7.07 -22.17
CA GLY F 44 -9.35 8.39 -22.34
C GLY F 44 -10.10 8.88 -21.12
N GLU F 45 -10.43 7.98 -20.20
CA GLU F 45 -11.18 8.30 -18.99
C GLU F 45 -10.26 8.67 -17.84
N ARG F 46 -10.50 9.84 -17.25
CA ARG F 46 -9.72 10.33 -16.14
C ARG F 46 -9.97 9.45 -14.91
N ILE F 47 -8.91 9.20 -14.16
CA ILE F 47 -8.98 8.38 -12.94
C ILE F 47 -9.04 9.41 -11.83
N GLU F 48 -10.10 9.35 -11.02
CA GLU F 48 -10.27 10.35 -9.97
C GLU F 48 -9.46 10.07 -8.71
N LYS F 49 -9.35 8.82 -8.29
CA LYS F 49 -8.58 8.54 -7.07
C LYS F 49 -7.10 8.51 -7.41
N VAL F 50 -6.41 9.64 -7.21
CA VAL F 50 -4.99 9.71 -7.49
C VAL F 50 -4.32 10.47 -6.35
N GLU F 51 -3.04 10.19 -6.18
CA GLU F 51 -2.17 10.80 -5.18
C GLU F 51 -0.99 11.48 -5.86
N HIS F 52 -0.43 12.50 -5.21
CA HIS F 52 0.73 13.18 -5.75
C HIS F 52 1.68 13.44 -4.59
N SER F 53 2.98 13.35 -4.87
CA SER F 53 3.97 13.63 -3.85
C SER F 53 3.96 15.11 -3.52
N ASP F 54 4.78 15.50 -2.54
CA ASP F 54 4.86 16.91 -2.19
C ASP F 54 5.67 17.62 -3.26
N LEU F 55 5.28 18.85 -3.60
CA LEU F 55 6.06 19.59 -4.57
C LEU F 55 7.49 19.78 -4.06
N SER F 56 8.47 19.59 -4.94
CA SER F 56 9.87 19.74 -4.58
C SER F 56 10.60 20.22 -5.82
N PHE F 57 11.94 20.25 -5.74
CA PHE F 57 12.72 20.64 -6.90
C PHE F 57 14.16 20.16 -6.70
N SER F 58 14.87 20.10 -7.83
CA SER F 58 16.25 19.66 -7.97
C SER F 58 17.22 20.83 -7.85
N LYS F 59 18.51 20.51 -7.70
CA LYS F 59 19.50 21.56 -7.56
C LYS F 59 19.77 22.23 -8.91
N ASP F 60 18.86 22.04 -9.84
CA ASP F 60 18.85 22.67 -11.13
C ASP F 60 17.75 23.72 -11.18
N TRP F 61 17.06 23.88 -10.05
CA TRP F 61 15.95 24.79 -9.75
C TRP F 61 14.64 24.32 -10.37
N SER F 62 14.68 23.40 -11.33
CA SER F 62 13.46 22.91 -11.95
C SER F 62 12.60 22.13 -10.95
N PHE F 63 11.29 22.21 -11.12
CA PHE F 63 10.35 21.53 -10.22
C PHE F 63 10.08 20.10 -10.70
N TYR F 64 9.63 19.26 -9.77
CA TYR F 64 9.29 17.89 -10.09
C TYR F 64 8.22 17.36 -9.13
N LEU F 65 7.36 16.52 -9.67
CA LEU F 65 6.26 15.91 -8.94
C LEU F 65 6.07 14.49 -9.43
N LEU F 66 5.49 13.67 -8.57
CA LEU F 66 5.16 12.29 -8.92
C LEU F 66 3.68 12.13 -8.68
N TYR F 67 2.97 11.61 -9.68
CA TYR F 67 1.55 11.37 -9.58
C TYR F 67 1.37 9.86 -9.69
N TYR F 68 0.48 9.27 -8.89
CA TYR F 68 0.32 7.83 -8.99
C TYR F 68 -1.09 7.39 -8.60
N THR F 69 -1.39 6.14 -8.96
CA THR F 69 -2.69 5.52 -8.70
C THR F 69 -2.57 4.02 -8.87
N GLU F 70 -3.24 3.26 -8.02
CA GLU F 70 -3.24 1.82 -8.12
C GLU F 70 -3.88 1.40 -9.45
N PHE F 71 -3.31 0.38 -10.09
CA PHE F 71 -3.88 -0.11 -11.35
C PHE F 71 -3.42 -1.54 -11.57
N THR F 72 -4.12 -2.24 -12.48
CA THR F 72 -3.76 -3.62 -12.81
C THR F 72 -3.47 -3.69 -14.30
N PRO F 73 -2.24 -4.02 -14.70
CA PRO F 73 -1.93 -4.10 -16.13
C PRO F 73 -2.87 -5.02 -16.90
N THR F 74 -3.25 -4.57 -18.08
CA THR F 74 -4.11 -5.30 -18.99
C THR F 74 -3.40 -5.36 -20.33
N GLU F 75 -3.77 -6.34 -21.16
CA GLU F 75 -3.16 -6.43 -22.47
C GLU F 75 -3.82 -5.51 -23.50
N LYS F 76 -5.03 -5.02 -23.21
CA LYS F 76 -5.76 -4.14 -24.13
C LYS F 76 -6.09 -2.77 -23.57
N ASP F 77 -6.05 -2.57 -22.26
CA ASP F 77 -6.35 -1.27 -21.66
C ASP F 77 -5.18 -0.33 -21.81
N GLU F 78 -5.46 0.87 -22.32
CA GLU F 78 -4.44 1.88 -22.53
C GLU F 78 -4.49 2.90 -21.40
N TYR F 79 -3.34 3.13 -20.77
CA TYR F 79 -3.20 4.09 -19.69
C TYR F 79 -2.35 5.23 -20.22
N ALA F 80 -2.60 6.43 -19.69
CA ALA F 80 -1.85 7.58 -20.15
C ALA F 80 -1.84 8.64 -19.07
N CYS F 81 -0.93 9.59 -19.25
CA CYS F 81 -0.78 10.71 -18.34
C CYS F 81 -0.96 11.98 -19.16
N ARG F 82 -1.73 12.93 -18.65
CA ARG F 82 -1.99 14.17 -19.36
C ARG F 82 -1.46 15.30 -18.49
N VAL F 83 -0.69 16.20 -19.10
CA VAL F 83 -0.07 17.32 -18.40
C VAL F 83 -0.37 18.63 -19.10
N ASN F 84 -0.67 19.65 -18.30
CA ASN F 84 -0.93 21.00 -18.77
C ASN F 84 0.01 21.93 -18.02
N HIS F 85 0.58 22.88 -18.75
CA HIS F 85 1.56 23.79 -18.16
C HIS F 85 1.60 25.02 -19.05
N VAL F 86 1.99 26.15 -18.46
CA VAL F 86 1.99 27.40 -19.20
C VAL F 86 2.86 27.35 -20.45
N THR F 87 3.73 26.35 -20.58
CA THR F 87 4.57 26.27 -21.78
C THR F 87 3.89 25.47 -22.88
N LEU F 88 2.78 24.80 -22.57
CA LEU F 88 2.06 23.96 -23.53
C LEU F 88 0.80 24.69 -24.00
N SER F 89 0.58 24.68 -25.32
CA SER F 89 -0.60 25.33 -25.87
C SER F 89 -1.87 24.54 -25.54
N GLN F 90 -1.74 23.24 -25.39
CA GLN F 90 -2.82 22.35 -24.98
C GLN F 90 -2.18 21.23 -24.18
N PRO F 91 -2.95 20.51 -23.36
CA PRO F 91 -2.33 19.45 -22.57
C PRO F 91 -1.62 18.42 -23.43
N LYS F 92 -0.51 17.93 -22.90
CA LYS F 92 0.35 16.92 -23.51
C LYS F 92 -0.01 15.56 -22.92
N ILE F 93 -0.31 14.58 -23.77
CA ILE F 93 -0.71 13.26 -23.34
C ILE F 93 0.41 12.31 -23.72
N VAL F 94 0.72 11.39 -22.81
CA VAL F 94 1.80 10.42 -22.94
C VAL F 94 1.29 9.05 -22.57
N LYS F 95 1.23 8.16 -23.56
CA LYS F 95 0.78 6.79 -23.38
C LYS F 95 1.77 6.01 -22.54
N TRP F 96 1.27 4.99 -21.85
CA TRP F 96 2.11 4.13 -21.02
C TRP F 96 2.61 2.93 -21.81
N ASP F 97 3.92 2.79 -21.88
CA ASP F 97 4.56 1.67 -22.55
C ASP F 97 5.26 0.87 -21.46
N ARG F 98 4.84 -0.37 -21.24
CA ARG F 98 5.45 -1.18 -20.18
C ARG F 98 6.93 -1.47 -20.42
N ASP F 99 7.47 -1.14 -21.59
CA ASP F 99 8.87 -1.38 -21.91
C ASP F 99 9.73 -0.15 -21.65
N MET F 100 9.19 0.88 -21.02
CA MET F 100 9.92 2.11 -20.76
C MET F 100 9.58 2.68 -19.40
N ARG G 1 17.83 20.40 11.43
CA ARG G 1 17.64 21.75 12.02
C ARG G 1 17.96 22.84 10.99
N ILE G 2 17.01 23.76 10.81
CA ILE G 2 17.09 24.79 9.77
C ILE G 2 17.80 26.02 10.30
N ILE G 3 18.46 26.74 9.41
CA ILE G 3 19.16 27.98 9.79
C ILE G 3 18.11 29.00 10.20
N PRO G 4 18.30 29.73 11.30
CA PRO G 4 17.17 30.48 11.89
C PRO G 4 16.66 31.64 11.05
N ARG G 5 17.48 32.23 10.17
CA ARG G 5 17.07 33.42 9.45
C ARG G 5 17.31 33.23 7.95
N HIS G 6 16.50 33.92 7.17
CA HIS G 6 16.63 33.97 5.72
C HIS G 6 17.33 35.27 5.35
N LEU G 7 18.11 35.23 4.28
CA LEU G 7 18.80 36.43 3.84
C LEU G 7 17.79 37.46 3.36
N GLN G 8 18.18 38.74 3.45
CA GLN G 8 17.34 39.84 3.00
C GLN G 8 17.94 40.35 1.70
N LEU G 9 17.45 39.80 0.58
CA LEU G 9 17.93 40.19 -0.74
C LEU G 9 17.59 41.64 -0.98
N TRP H 10 6.46 8.88 -48.18
CA TRP H 10 5.71 10.12 -48.19
C TRP H 10 4.76 10.18 -47.00
N ALA H 11 3.81 11.11 -47.03
CA ALA H 11 2.86 11.26 -45.94
C ALA H 11 1.75 12.23 -46.36
N GLU H 12 0.57 12.01 -45.81
CA GLU H 12 -0.54 12.95 -45.99
C GLU H 12 -1.08 13.39 -44.64
N VAL H 16 4.89 17.43 -41.74
CA VAL H 16 4.57 18.56 -40.88
C VAL H 16 3.06 18.57 -40.60
N ILE H 17 2.71 18.43 -39.33
CA ILE H 17 1.33 18.18 -38.92
C ILE H 17 1.14 18.75 -37.52
N THR H 18 -0.06 19.23 -37.23
CA THR H 18 -0.35 19.81 -35.93
C THR H 18 -0.65 18.69 -34.94
N GLN H 19 -0.53 19.00 -33.65
CA GLN H 19 -0.63 18.00 -32.58
C GLN H 19 -2.10 17.68 -32.34
N GLY H 20 -2.55 16.55 -32.90
CA GLY H 20 -3.93 16.12 -32.77
C GLY H 20 -4.52 15.69 -34.10
N SER H 21 -3.86 16.07 -35.19
CA SER H 21 -4.36 15.82 -36.53
C SER H 21 -4.04 14.39 -36.96
N PRO H 22 -4.80 13.86 -37.92
CA PRO H 22 -4.49 12.55 -38.49
C PRO H 22 -3.53 12.65 -39.67
N VAL H 23 -2.84 11.53 -39.91
CA VAL H 23 -1.86 11.44 -40.99
C VAL H 23 -1.72 9.98 -41.36
N THR H 24 -1.45 9.73 -42.64
CA THR H 24 -1.25 8.37 -43.15
C THR H 24 0.10 8.31 -43.84
N LEU H 25 0.95 7.38 -43.39
CA LEU H 25 2.23 7.13 -44.04
C LEU H 25 2.13 5.85 -44.85
N ARG H 26 2.82 5.81 -45.98
CA ARG H 26 2.74 4.67 -46.89
C ARG H 26 4.11 4.25 -47.39
N LEU H 38 8.20 -0.61 -42.58
CA LEU H 38 8.31 0.73 -42.02
C LEU H 38 8.80 0.69 -40.57
N TYR H 39 9.93 1.33 -40.32
CA TYR H 39 10.47 1.49 -38.99
C TYR H 39 10.78 2.96 -38.75
N ARG H 40 11.04 3.29 -37.48
CA ARG H 40 11.47 4.62 -37.08
C ARG H 40 12.90 4.55 -36.59
N GLU H 41 13.75 5.43 -37.10
CA GLU H 41 15.16 5.41 -36.74
C GLU H 41 15.34 5.60 -35.24
N LYS H 42 16.25 4.81 -34.66
CA LYS H 42 16.69 4.93 -33.28
C LYS H 42 15.54 4.90 -32.28
N LYS H 43 14.39 4.39 -32.69
CA LYS H 43 13.22 4.37 -31.82
C LYS H 43 12.13 3.48 -32.40
N THR H 44 12.02 2.25 -31.91
CA THR H 44 10.91 1.39 -32.30
C THR H 44 9.59 2.11 -32.04
N ALA H 45 8.84 2.35 -33.10
CA ALA H 45 7.51 2.95 -32.95
C ALA H 45 6.49 1.84 -32.79
N PRO H 46 6.05 1.53 -31.55
CA PRO H 46 5.17 0.37 -31.36
C PRO H 46 3.78 0.55 -31.94
N TRP H 47 3.36 1.78 -32.27
CA TRP H 47 2.08 1.93 -32.95
C TRP H 47 2.10 1.26 -34.32
N ILE H 48 3.28 1.17 -34.95
CA ILE H 48 3.41 0.45 -36.21
C ILE H 48 2.91 -0.98 -36.05
N THR H 49 3.22 -1.61 -34.91
CA THR H 49 2.76 -2.97 -34.66
C THR H 49 1.23 -3.04 -34.65
N ARG H 50 0.56 -1.97 -34.19
CA ARG H 50 -0.90 -1.99 -34.10
C ARG H 50 -1.57 -2.08 -35.46
N ILE H 51 -0.85 -1.82 -36.54
CA ILE H 51 -1.44 -1.87 -37.88
C ILE H 51 -1.69 -3.32 -38.28
N PHE H 61 -0.24 3.03 -43.56
CA PHE H 61 -0.09 3.12 -42.11
C PHE H 61 -0.84 4.33 -41.56
N PRO H 62 -2.12 4.14 -41.22
CA PRO H 62 -2.93 5.27 -40.75
C PRO H 62 -2.64 5.67 -39.31
N ILE H 63 -2.56 6.98 -39.09
CA ILE H 63 -2.59 7.55 -37.75
C ILE H 63 -3.86 8.38 -37.64
N PRO H 64 -4.86 7.98 -36.85
CA PRO H 64 -6.12 8.74 -36.82
C PRO H 64 -6.05 10.02 -36.00
N SER H 65 -4.98 10.25 -35.25
CA SER H 65 -4.84 11.45 -34.43
C SER H 65 -3.41 11.53 -33.91
N ILE H 66 -2.56 12.26 -34.64
CA ILE H 66 -1.14 12.26 -34.31
C ILE H 66 -0.93 12.76 -32.89
N THR H 67 0.20 12.36 -32.31
CA THR H 67 0.69 12.91 -31.06
C THR H 67 2.22 12.97 -31.16
N TRP H 68 2.86 13.36 -30.06
CA TRP H 68 4.33 13.40 -30.02
C TRP H 68 4.94 12.04 -30.34
N GLU H 69 4.27 10.95 -29.93
CA GLU H 69 4.84 9.61 -30.03
C GLU H 69 4.95 9.11 -31.46
N HIS H 70 4.29 9.78 -32.41
CA HIS H 70 4.45 9.44 -33.81
C HIS H 70 5.60 10.21 -34.45
N ALA H 71 6.06 11.28 -33.82
CA ALA H 71 7.18 12.04 -34.34
C ALA H 71 8.42 11.16 -34.48
N GLY H 72 9.39 11.65 -35.24
CA GLY H 72 10.64 10.96 -35.40
C GLY H 72 11.09 10.97 -36.84
N ARG H 73 12.16 10.22 -37.10
CA ARG H 73 12.65 9.95 -38.44
C ARG H 73 12.12 8.60 -38.91
N TYR H 74 11.66 8.54 -40.15
CA TYR H 74 11.06 7.32 -40.68
C TYR H 74 11.76 6.87 -41.94
N ARG H 75 11.93 5.55 -42.06
CA ARG H 75 12.60 4.95 -43.21
C ARG H 75 11.90 3.66 -43.59
N CYS H 76 11.87 3.37 -44.89
CA CYS H 76 11.30 2.14 -45.41
C CYS H 76 11.61 2.01 -46.90
N GLU H 93 11.63 12.80 -41.93
CA GLU H 93 11.51 13.40 -40.61
C GLU H 93 10.08 13.84 -40.32
N LEU H 94 9.27 12.94 -39.78
CA LEU H 94 7.92 13.31 -39.37
C LEU H 94 7.98 14.26 -38.18
N VAL H 95 7.35 15.42 -38.31
CA VAL H 95 7.46 16.50 -37.35
C VAL H 95 6.07 16.83 -36.82
N VAL H 96 5.91 16.80 -35.50
CA VAL H 96 4.62 17.06 -34.87
C VAL H 96 4.64 18.45 -34.25
N THR H 97 4.50 19.47 -35.10
CA THR H 97 4.56 20.84 -34.62
C THR H 97 3.27 21.18 -33.88
N GLY H 98 3.26 22.37 -33.30
CA GLY H 98 2.08 22.86 -32.61
C GLY H 98 1.93 22.38 -31.19
N ALA H 99 3.03 22.15 -30.48
CA ALA H 99 3.00 21.65 -29.11
C ALA H 99 3.30 22.73 -28.08
N TYR H 100 4.28 23.60 -28.36
CA TYR H 100 4.71 24.65 -27.44
C TYR H 100 4.46 26.03 -28.03
N ILE H 101 4.29 27.03 -27.15
CA ILE H 101 3.71 28.31 -27.50
C ILE H 101 4.71 29.11 -28.33
N LYS H 102 4.18 30.08 -29.08
CA LYS H 102 4.95 30.93 -29.98
C LYS H 102 5.90 31.95 -29.38
N PRO H 103 7.03 32.16 -30.05
CA PRO H 103 8.05 33.11 -29.57
C PRO H 103 8.22 34.44 -30.34
N THR H 104 7.39 34.79 -31.32
CA THR H 104 7.64 36.05 -32.01
C THR H 104 7.52 37.22 -31.04
N CYS H 123 12.42 36.73 -33.07
CA CYS H 123 12.47 35.32 -32.74
C CYS H 123 13.07 35.10 -31.37
N ASP H 124 12.24 35.24 -30.33
CA ASP H 124 12.69 35.12 -28.94
C ASP H 124 11.58 34.45 -28.14
N SER H 125 11.76 33.18 -27.81
CA SER H 125 10.79 32.45 -27.02
C SER H 125 10.95 32.75 -25.54
N GLN H 126 9.83 32.69 -24.82
CA GLN H 126 9.85 32.71 -23.37
C GLN H 126 10.16 31.34 -22.78
N VAL H 127 10.23 30.30 -23.61
CA VAL H 127 10.46 28.93 -23.17
C VAL H 127 11.92 28.58 -23.43
N ALA H 128 12.53 27.88 -22.49
CA ALA H 128 13.95 27.52 -22.58
C ALA H 128 14.12 26.47 -23.68
N PHE H 129 14.64 26.88 -24.82
CA PHE H 129 14.83 25.99 -25.97
C PHE H 129 16.17 26.28 -26.61
N ASP H 130 16.95 25.26 -26.85
CA ASP H 130 18.29 25.40 -27.39
C ASP H 130 18.34 25.39 -28.91
N GLY H 131 17.20 25.32 -29.58
CA GLY H 131 17.18 25.16 -31.02
C GLY H 131 16.16 26.01 -31.75
N PHE H 132 16.65 26.75 -32.75
CA PHE H 132 15.78 27.51 -33.66
C PHE H 132 16.28 27.33 -35.10
N CYS H 175 9.46 32.62 -36.41
CA CYS H 175 10.37 31.49 -36.44
C CYS H 175 9.76 30.23 -35.82
N TYR H 176 10.64 29.31 -35.43
CA TYR H 176 10.27 27.98 -34.96
C TYR H 176 11.13 27.64 -33.76
N ALA H 177 10.51 27.25 -32.65
CA ALA H 177 11.21 26.98 -31.41
C ALA H 177 11.11 25.50 -31.07
N TYR H 178 12.24 24.89 -30.71
CA TYR H 178 12.24 23.47 -30.41
C TYR H 178 13.42 23.11 -29.52
N ASP H 179 13.21 22.08 -28.69
CA ASP H 179 14.28 21.47 -27.91
C ASP H 179 15.07 20.50 -28.79
N SER H 180 16.40 20.55 -28.68
CA SER H 180 17.25 19.76 -29.55
C SER H 180 17.32 18.29 -29.16
N ASN H 181 16.82 17.91 -27.97
CA ASN H 181 16.74 16.50 -27.61
C ASN H 181 15.57 15.82 -28.32
N SER H 182 14.53 16.57 -28.65
CA SER H 182 13.42 16.10 -29.47
C SER H 182 13.31 17.09 -30.64
N PRO H 183 14.12 16.89 -31.69
CA PRO H 183 14.14 17.87 -32.80
C PRO H 183 12.91 17.80 -33.68
N TYR H 184 11.87 17.12 -33.24
CA TYR H 184 10.71 16.82 -34.07
C TYR H 184 9.40 17.32 -33.50
N GLU H 185 9.23 17.40 -32.19
CA GLU H 185 8.13 18.14 -31.61
C GLU H 185 8.46 19.62 -31.67
N TRP H 186 7.65 20.40 -32.38
CA TRP H 186 7.93 21.81 -32.61
C TRP H 186 6.83 22.68 -32.02
N SER H 187 7.15 23.97 -31.89
CA SER H 187 6.33 24.92 -31.17
C SER H 187 5.22 25.36 -32.12
N LEU H 188 4.48 26.34 -31.62
CA LEU H 188 3.36 26.95 -32.34
C LEU H 188 3.97 27.91 -33.34
N PRO H 189 3.32 28.06 -34.49
CA PRO H 189 3.85 28.92 -35.56
C PRO H 189 4.02 30.36 -35.08
N SER H 190 5.09 31.03 -35.52
CA SER H 190 5.38 32.37 -35.07
C SER H 190 4.70 33.42 -35.94
N ASP H 191 4.50 34.60 -35.35
CA ASP H 191 3.78 35.67 -36.03
C ASP H 191 4.63 36.93 -36.22
#